data_5AGD
#
_entry.id   5AGD
#
_cell.length_a   83.520
_cell.length_b   85.725
_cell.length_c   102.613
_cell.angle_alpha   90.00
_cell.angle_beta   90.00
_cell.angle_gamma   90.00
#
_symmetry.space_group_name_H-M   'P 21 21 21'
#
loop_
_entity.id
_entity.type
_entity.pdbx_description
1 polymer ALPHA-1,6-MANNANASE
2 branched alpha-D-mannopyranose-(1-6)-alpha-D-mannopyranose-(1-6)-alpha-D-mannopyranose-(1-6)-alpha-D-mannopyranose-(1-6)-beta-D-mannopyranose
3 non-polymer alpha-D-mannopyranose
4 water water
#
_entity_poly.entity_id   1
_entity_poly.type   'polypeptide(L)'
_entity_poly.pdbx_seq_one_letter_code
;MGSSHHHHHHSSGLEVLFQGPAYTASDGDTAMKAFNDTFWDPNAKMFWKDSKREKHQDFWVEAELWELVMDAYQHTSDPA
LKAELKTQIDDVYDGTVAKYGQDWTNNPFNDNIMWWAMGSARAYQITGNPRYLEAARDHFDFVYDTQWDEEFANGGIWWL
NSDHNTKNACINFPAAQAALYLYDITKDEHYLNAATKIFRWGKTMLTDGNGKVFDRIEIEHGAVPDATHYNQGTYIGSAV
GLYKATGNAVYLDDAVKAAKFTKNHLVDSNGVLNYEGPNGDLKGGKTILMRNLAHLQKTLDETGQYPEFSAEFDEWLAFN
IEMAWSHQNSDHIVDGNWAGQLLSGTYESWSSAAAVQALNGI
;
_entity_poly.pdbx_strand_id   A,B
#
loop_
_chem_comp.id
_chem_comp.type
_chem_comp.name
_chem_comp.formula
BMA D-saccharide, beta linking beta-D-mannopyranose 'C6 H12 O6'
MAN D-saccharide, alpha linking alpha-D-mannopyranose 'C6 H12 O6'
#
# COMPACT_ATOMS: atom_id res chain seq x y z
N SER A 26 -13.95 -0.50 -34.05
CA SER A 26 -12.88 -0.94 -35.01
C SER A 26 -11.44 -0.79 -34.51
N ASP A 27 -11.23 -0.08 -33.39
CA ASP A 27 -9.85 0.15 -32.90
C ASP A 27 -9.10 -1.16 -32.58
N GLY A 28 -9.75 -2.08 -31.86
CA GLY A 28 -9.16 -3.40 -31.56
C GLY A 28 -8.77 -4.15 -32.82
N ASP A 29 -9.64 -4.10 -33.83
CA ASP A 29 -9.39 -4.77 -35.11
C ASP A 29 -8.18 -4.15 -35.82
N THR A 30 -8.18 -2.82 -35.92
CA THR A 30 -7.08 -2.08 -36.55
C THR A 30 -5.74 -2.36 -35.87
N ALA A 31 -5.77 -2.37 -34.54
CA ALA A 31 -4.56 -2.58 -33.77
C ALA A 31 -4.01 -4.00 -33.97
N MET A 32 -4.89 -5.00 -33.96
CA MET A 32 -4.47 -6.39 -34.13
C MET A 32 -3.95 -6.62 -35.56
N LYS A 33 -4.66 -6.09 -36.54
CA LYS A 33 -4.24 -6.23 -37.92
C LYS A 33 -2.86 -5.61 -38.16
N ALA A 34 -2.65 -4.41 -37.61
CA ALA A 34 -1.34 -3.76 -37.71
C ALA A 34 -0.22 -4.58 -37.03
N PHE A 35 -0.52 -5.09 -35.82
CA PHE A 35 0.44 -5.89 -35.09
C PHE A 35 0.86 -7.12 -35.92
N ASN A 36 -0.13 -7.81 -36.48
CA ASN A 36 0.15 -8.96 -37.33
C ASN A 36 0.93 -8.55 -38.58
N ASP A 37 0.54 -7.46 -39.20
CA ASP A 37 1.24 -7.03 -40.40
C ASP A 37 2.72 -6.75 -40.11
N THR A 38 2.99 -6.20 -38.94
CA THR A 38 4.35 -5.80 -38.57
C THR A 38 5.20 -6.97 -38.05
N PHE A 39 4.57 -7.85 -37.27
CA PHE A 39 5.30 -8.86 -36.51
C PHE A 39 5.03 -10.33 -36.80
N TRP A 40 3.91 -10.65 -37.45
CA TRP A 40 3.59 -12.05 -37.70
C TRP A 40 4.41 -12.60 -38.85
N ASP A 41 5.07 -13.74 -38.62
CA ASP A 41 5.78 -14.44 -39.67
C ASP A 41 4.93 -15.64 -40.11
N PRO A 42 4.27 -15.55 -41.29
CA PRO A 42 3.42 -16.67 -41.72
C PRO A 42 4.21 -17.91 -42.16
N ASN A 43 5.51 -17.78 -42.42
CA ASN A 43 6.33 -18.93 -42.83
C ASN A 43 6.70 -19.80 -41.62
N ALA A 44 7.28 -19.17 -40.61
CA ALA A 44 7.64 -19.88 -39.38
C ALA A 44 6.44 -20.06 -38.42
N LYS A 45 5.34 -19.36 -38.68
CA LYS A 45 4.15 -19.36 -37.80
C LYS A 45 4.54 -18.98 -36.38
N MET A 46 5.31 -17.89 -36.29
CA MET A 46 5.73 -17.30 -35.02
C MET A 46 5.76 -15.81 -35.22
N PHE A 47 5.65 -15.08 -34.12
CA PHE A 47 5.93 -13.63 -34.16
C PHE A 47 7.43 -13.35 -34.17
N TRP A 48 7.82 -12.35 -34.98
CA TRP A 48 9.15 -11.76 -34.91
C TRP A 48 9.30 -11.01 -33.59
N LYS A 49 10.52 -11.01 -33.04
CA LYS A 49 10.82 -10.28 -31.81
C LYS A 49 10.77 -8.78 -32.05
N ASP A 50 11.19 -8.34 -33.23
CA ASP A 50 11.10 -6.93 -33.54
C ASP A 50 10.98 -6.71 -35.05
N SER A 51 10.82 -5.43 -35.43
CA SER A 51 10.56 -5.05 -36.81
C SER A 51 11.76 -5.24 -37.73
N LYS A 52 12.94 -5.59 -37.20
CA LYS A 52 14.07 -5.92 -38.09
C LYS A 52 13.91 -7.34 -38.66
N ARG A 53 13.03 -8.14 -38.07
CA ARG A 53 12.69 -9.46 -38.59
CA ARG A 53 12.68 -9.46 -38.62
C ARG A 53 13.91 -10.35 -38.74
N GLU A 54 14.72 -10.39 -37.67
CA GLU A 54 15.95 -11.14 -37.61
C GLU A 54 15.93 -12.28 -36.60
N LYS A 55 14.96 -12.27 -35.69
CA LYS A 55 14.87 -13.20 -34.59
CA LYS A 55 14.87 -13.25 -34.59
C LYS A 55 13.41 -13.35 -34.18
N HIS A 56 12.94 -14.59 -33.97
CA HIS A 56 11.56 -14.77 -33.49
C HIS A 56 11.47 -14.57 -31.99
N GLN A 57 10.25 -14.34 -31.54
CA GLN A 57 9.97 -14.03 -30.16
C GLN A 57 10.35 -15.20 -29.23
N ASP A 58 10.72 -14.83 -28.00
CA ASP A 58 11.08 -15.79 -26.98
C ASP A 58 9.90 -16.75 -26.70
N PHE A 59 10.23 -17.96 -26.29
CA PHE A 59 9.22 -18.99 -26.01
C PHE A 59 8.10 -18.49 -25.08
N TRP A 60 8.42 -17.95 -23.91
CA TRP A 60 7.35 -17.65 -22.97
C TRP A 60 6.50 -16.49 -23.47
N VAL A 61 7.16 -15.49 -24.07
CA VAL A 61 6.44 -14.34 -24.54
C VAL A 61 5.49 -14.74 -25.69
N GLU A 62 5.92 -15.71 -26.49
CA GLU A 62 5.06 -16.23 -27.57
C GLU A 62 3.72 -16.76 -27.03
N ALA A 63 3.69 -17.35 -25.83
CA ALA A 63 2.42 -17.79 -25.24
C ALA A 63 1.52 -16.59 -24.96
N GLU A 64 2.16 -15.48 -24.58
CA GLU A 64 1.42 -14.27 -24.27
C GLU A 64 0.86 -13.58 -25.50
N LEU A 65 1.62 -13.64 -26.59
CA LEU A 65 1.13 -13.17 -27.88
C LEU A 65 0.03 -14.12 -28.39
N TRP A 66 0.16 -15.42 -28.13
CA TRP A 66 -0.90 -16.40 -28.42
C TRP A 66 -2.21 -15.98 -27.74
N GLU A 67 -2.14 -15.66 -26.45
CA GLU A 67 -3.32 -15.19 -25.76
C GLU A 67 -3.84 -13.86 -26.29
N LEU A 68 -2.94 -12.99 -26.80
CA LEU A 68 -3.40 -11.76 -27.44
C LEU A 68 -4.27 -12.08 -28.66
N VAL A 69 -3.82 -13.00 -29.51
CA VAL A 69 -4.60 -13.45 -30.67
C VAL A 69 -5.98 -13.95 -30.18
N MET A 70 -5.99 -14.73 -29.11
CA MET A 70 -7.25 -15.24 -28.58
C MET A 70 -8.15 -14.11 -28.09
N ASP A 71 -7.57 -13.11 -27.42
CA ASP A 71 -8.36 -11.98 -26.94
C ASP A 71 -8.96 -11.17 -28.07
N ALA A 72 -8.19 -11.01 -29.14
CA ALA A 72 -8.69 -10.31 -30.33
C ALA A 72 -9.84 -11.10 -30.95
N TYR A 73 -9.65 -12.41 -31.04
CA TYR A 73 -10.68 -13.33 -31.52
C TYR A 73 -12.00 -13.14 -30.74
N GLN A 74 -11.90 -13.05 -29.41
CA GLN A 74 -13.08 -12.93 -28.55
CA GLN A 74 -13.08 -12.93 -28.56
C GLN A 74 -13.71 -11.54 -28.61
N HIS A 75 -12.91 -10.54 -28.93
CA HIS A 75 -13.36 -9.15 -28.94
C HIS A 75 -14.01 -8.74 -30.25
N THR A 76 -13.49 -9.19 -31.39
CA THR A 76 -13.91 -8.66 -32.68
C THR A 76 -15.36 -9.00 -33.01
N SER A 77 -16.02 -8.10 -33.72
CA SER A 77 -17.35 -8.36 -34.27
CA SER A 77 -17.35 -8.34 -34.27
C SER A 77 -17.25 -8.58 -35.78
N ASP A 78 -16.02 -8.58 -36.31
CA ASP A 78 -15.85 -8.80 -37.74
C ASP A 78 -15.68 -10.30 -38.05
N PRO A 79 -16.70 -10.93 -38.69
CA PRO A 79 -16.64 -12.39 -38.86
C PRO A 79 -15.44 -12.86 -39.69
N ALA A 80 -15.01 -12.06 -40.65
CA ALA A 80 -13.88 -12.42 -41.51
C ALA A 80 -12.60 -12.43 -40.70
N LEU A 81 -12.33 -11.34 -39.98
CA LEU A 81 -11.15 -11.28 -39.13
C LEU A 81 -11.18 -12.35 -38.04
N LYS A 82 -12.36 -12.59 -37.47
CA LYS A 82 -12.53 -13.62 -36.44
C LYS A 82 -12.12 -15.00 -36.93
N ALA A 83 -12.54 -15.37 -38.15
CA ALA A 83 -12.13 -16.64 -38.74
C ALA A 83 -10.61 -16.71 -38.94
N GLU A 84 -10.02 -15.60 -39.39
CA GLU A 84 -8.55 -15.50 -39.59
C GLU A 84 -7.82 -15.68 -38.26
N LEU A 85 -8.27 -14.98 -37.25
CA LEU A 85 -7.68 -15.10 -35.91
C LEU A 85 -7.85 -16.51 -35.33
N LYS A 86 -9.01 -17.14 -35.58
CA LYS A 86 -9.22 -18.50 -35.07
C LYS A 86 -8.22 -19.48 -35.69
N THR A 87 -7.99 -19.36 -36.99
CA THR A 87 -6.96 -20.13 -37.66
C THR A 87 -5.58 -19.84 -37.05
N GLN A 88 -5.31 -18.56 -36.82
CA GLN A 88 -4.01 -18.16 -36.25
C GLN A 88 -3.74 -18.78 -34.87
N ILE A 89 -4.81 -18.99 -34.09
CA ILE A 89 -4.69 -19.69 -32.81
C ILE A 89 -4.00 -21.02 -33.03
N ASP A 90 -4.46 -21.78 -34.03
CA ASP A 90 -3.83 -23.06 -34.31
C ASP A 90 -2.41 -22.90 -34.86
N ASP A 91 -2.22 -21.92 -35.76
CA ASP A 91 -0.90 -21.71 -36.38
C ASP A 91 0.19 -21.32 -35.37
N VAL A 92 -0.16 -20.51 -34.36
CA VAL A 92 0.81 -20.15 -33.34
C VAL A 92 1.29 -21.40 -32.61
N TYR A 93 0.35 -22.27 -32.19
CA TYR A 93 0.72 -23.53 -31.55
C TYR A 93 1.61 -24.35 -32.47
N ASP A 94 1.20 -24.50 -33.73
CA ASP A 94 1.93 -25.35 -34.67
C ASP A 94 3.38 -24.81 -34.91
N GLY A 95 3.52 -23.50 -35.03
CA GLY A 95 4.85 -22.91 -35.27
C GLY A 95 5.77 -23.12 -34.07
N THR A 96 5.21 -23.01 -32.87
CA THR A 96 6.00 -23.25 -31.66
C THR A 96 6.38 -24.72 -31.51
N VAL A 97 5.43 -25.63 -31.72
CA VAL A 97 5.71 -27.07 -31.61
C VAL A 97 6.77 -27.51 -32.64
N ALA A 98 6.77 -26.87 -33.80
CA ALA A 98 7.77 -27.21 -34.82
C ALA A 98 9.19 -26.94 -34.33
N LYS A 99 9.37 -25.87 -33.54
CA LYS A 99 10.70 -25.48 -33.05
C LYS A 99 11.02 -26.07 -31.68
N TYR A 100 10.02 -26.17 -30.80
CA TYR A 100 10.22 -26.53 -29.39
C TYR A 100 9.67 -27.89 -28.97
N GLY A 101 8.97 -28.57 -29.88
CA GLY A 101 8.27 -29.83 -29.57
C GLY A 101 6.92 -29.64 -28.89
N GLN A 102 6.21 -30.76 -28.68
CA GLN A 102 4.93 -30.82 -27.96
C GLN A 102 5.15 -30.98 -26.45
N ASP A 103 6.29 -31.54 -26.04
CA ASP A 103 6.58 -31.82 -24.64
C ASP A 103 7.55 -30.76 -24.13
N TRP A 104 7.04 -29.81 -23.36
CA TRP A 104 7.84 -28.71 -22.84
C TRP A 104 8.49 -28.98 -21.50
N THR A 105 8.34 -30.21 -20.98
CA THR A 105 8.81 -30.50 -19.65
C THR A 105 10.34 -30.58 -19.56
N ASN A 106 11.03 -30.51 -20.70
CA ASN A 106 12.48 -30.34 -20.79
C ASN A 106 12.98 -28.92 -20.54
N ASN A 107 12.06 -27.97 -20.47
CA ASN A 107 12.40 -26.59 -20.19
C ASN A 107 12.59 -26.45 -18.68
N PRO A 108 13.74 -25.90 -18.24
CA PRO A 108 13.97 -25.82 -16.80
C PRO A 108 13.15 -24.77 -16.07
N PHE A 109 12.49 -23.88 -16.81
CA PHE A 109 11.68 -22.81 -16.22
C PHE A 109 10.24 -23.30 -16.08
N ASN A 110 9.77 -23.47 -14.84
CA ASN A 110 8.40 -23.92 -14.63
C ASN A 110 7.41 -22.89 -15.13
N ASP A 111 7.75 -21.59 -15.02
CA ASP A 111 6.89 -20.57 -15.56
C ASP A 111 6.78 -20.64 -17.09
N ASN A 112 7.90 -20.86 -17.80
CA ASN A 112 7.78 -21.04 -19.25
C ASN A 112 6.73 -22.11 -19.57
N ILE A 113 6.80 -23.23 -18.85
CA ILE A 113 5.84 -24.32 -19.05
C ILE A 113 4.42 -23.86 -18.74
N MET A 114 4.24 -23.19 -17.60
CA MET A 114 2.91 -22.81 -17.15
C MET A 114 2.27 -21.74 -18.04
N TRP A 115 3.07 -20.79 -18.57
CA TRP A 115 2.46 -19.82 -19.47
C TRP A 115 1.83 -20.53 -20.69
N TRP A 116 2.53 -21.55 -21.21
CA TRP A 116 2.03 -22.37 -22.30
C TRP A 116 0.86 -23.29 -21.89
N ALA A 117 0.90 -23.82 -20.67
CA ALA A 117 -0.24 -24.62 -20.19
C ALA A 117 -1.52 -23.77 -20.11
N MET A 118 -1.37 -22.57 -19.57
CA MET A 118 -2.49 -21.63 -19.49
C MET A 118 -3.02 -21.28 -20.87
N GLY A 119 -2.11 -20.94 -21.80
CA GLY A 119 -2.52 -20.65 -23.14
C GLY A 119 -3.27 -21.81 -23.75
N SER A 120 -2.75 -23.01 -23.53
CA SER A 120 -3.34 -24.22 -24.09
C SER A 120 -4.78 -24.43 -23.58
N ALA A 121 -5.00 -24.18 -22.27
CA ALA A 121 -6.33 -24.35 -21.71
C ALA A 121 -7.29 -23.39 -22.43
N ARG A 122 -6.88 -22.15 -22.63
CA ARG A 122 -7.72 -21.18 -23.32
C ARG A 122 -7.99 -21.57 -24.77
N ALA A 123 -6.97 -22.12 -25.44
CA ALA A 123 -7.10 -22.52 -26.83
C ALA A 123 -8.13 -23.66 -26.91
N TYR A 124 -8.16 -24.54 -25.91
CA TYR A 124 -9.19 -25.58 -25.84
C TYR A 124 -10.55 -24.95 -25.75
N GLN A 125 -10.72 -24.01 -24.83
CA GLN A 125 -12.01 -23.35 -24.66
C GLN A 125 -12.53 -22.76 -25.98
N ILE A 126 -11.64 -22.18 -26.77
CA ILE A 126 -12.04 -21.52 -28.01
C ILE A 126 -12.32 -22.48 -29.16
N THR A 127 -11.47 -23.48 -29.32
CA THR A 127 -11.50 -24.33 -30.49
C THR A 127 -12.23 -25.64 -30.22
N GLY A 128 -12.27 -26.05 -28.95
CA GLY A 128 -12.82 -27.34 -28.56
C GLY A 128 -11.95 -28.48 -29.04
N ASN A 129 -10.73 -28.15 -29.44
CA ASN A 129 -9.80 -29.16 -29.92
C ASN A 129 -9.12 -29.87 -28.77
N PRO A 130 -9.39 -31.18 -28.56
CA PRO A 130 -8.87 -31.85 -27.36
C PRO A 130 -7.34 -31.84 -27.18
N ARG A 131 -6.56 -31.64 -28.25
CA ARG A 131 -5.12 -31.58 -28.11
C ARG A 131 -4.66 -30.47 -27.18
N TYR A 132 -5.43 -29.40 -27.13
CA TYR A 132 -5.06 -28.29 -26.26
C TYR A 132 -5.35 -28.63 -24.80
N LEU A 133 -6.42 -29.42 -24.55
CA LEU A 133 -6.76 -29.83 -23.18
C LEU A 133 -5.65 -30.75 -22.67
N GLU A 134 -5.20 -31.65 -23.53
CA GLU A 134 -4.13 -32.56 -23.15
C GLU A 134 -2.82 -31.79 -22.87
N ALA A 135 -2.49 -30.81 -23.72
CA ALA A 135 -1.29 -29.99 -23.49
C ALA A 135 -1.39 -29.25 -22.17
N ALA A 136 -2.55 -28.68 -21.90
CA ALA A 136 -2.76 -27.93 -20.67
C ALA A 136 -2.63 -28.83 -19.45
N ARG A 137 -3.38 -29.93 -19.47
CA ARG A 137 -3.45 -30.79 -18.31
C ARG A 137 -2.09 -31.48 -18.01
N ASP A 138 -1.44 -32.00 -19.06
CA ASP A 138 -0.17 -32.71 -18.84
C ASP A 138 0.90 -31.78 -18.28
N HIS A 139 1.00 -30.57 -18.83
CA HIS A 139 2.00 -29.60 -18.38
C HIS A 139 1.67 -29.01 -17.00
N PHE A 140 0.40 -28.71 -16.75
CA PHE A 140 -0.02 -28.27 -15.42
C PHE A 140 0.34 -29.35 -14.40
N ASP A 141 -0.04 -30.59 -14.70
CA ASP A 141 0.22 -31.67 -13.74
C ASP A 141 1.71 -31.84 -13.47
N PHE A 142 2.55 -31.79 -14.50
CA PHE A 142 3.98 -31.89 -14.27
C PHE A 142 4.44 -30.84 -13.24
N VAL A 143 4.04 -29.61 -13.44
CA VAL A 143 4.50 -28.54 -12.56
C VAL A 143 3.86 -28.67 -11.15
N TYR A 144 2.54 -28.77 -11.07
CA TYR A 144 1.93 -28.77 -9.77
C TYR A 144 2.28 -30.03 -8.96
N ASP A 145 2.29 -31.17 -9.64
CA ASP A 145 2.46 -32.43 -8.92
C ASP A 145 3.88 -32.68 -8.49
N THR A 146 4.85 -32.07 -9.18
CA THR A 146 6.24 -32.29 -8.87
C THR A 146 7.04 -31.07 -8.37
N GLN A 147 6.52 -29.88 -8.55
CA GLN A 147 7.23 -28.64 -8.22
C GLN A 147 6.60 -27.82 -7.09
N TRP A 148 5.48 -28.28 -6.53
CA TRP A 148 4.96 -27.73 -5.27
C TRP A 148 5.76 -28.31 -4.11
N ASP A 149 6.10 -27.48 -3.14
CA ASP A 149 6.83 -27.95 -1.96
C ASP A 149 6.25 -27.27 -0.73
N GLU A 150 6.01 -28.06 0.31
CA GLU A 150 5.43 -27.57 1.55
C GLU A 150 6.48 -27.05 2.52
N GLU A 151 7.75 -27.37 2.30
CA GLU A 151 8.76 -27.08 3.30
CA GLU A 151 8.76 -27.08 3.29
C GLU A 151 9.25 -25.62 3.22
N PHE A 152 10.00 -25.28 2.19
CA PHE A 152 10.50 -23.91 2.06
C PHE A 152 9.35 -22.95 1.93
N ALA A 153 9.32 -21.93 2.78
CA ALA A 153 8.29 -20.88 2.75
C ALA A 153 6.89 -21.45 3.00
N ASN A 154 6.82 -22.66 3.58
CA ASN A 154 5.57 -23.26 3.93
C ASN A 154 4.60 -23.49 2.77
N GLY A 155 5.13 -23.64 1.55
CA GLY A 155 4.29 -23.90 0.40
C GLY A 155 4.90 -23.28 -0.83
N GLY A 156 4.15 -23.35 -1.93
CA GLY A 156 4.55 -22.66 -3.17
C GLY A 156 5.26 -23.53 -4.17
N ILE A 157 5.14 -23.10 -5.42
CA ILE A 157 5.80 -23.74 -6.57
C ILE A 157 7.16 -23.07 -6.84
N TRP A 158 8.19 -23.88 -7.06
CA TRP A 158 9.52 -23.43 -7.44
C TRP A 158 9.50 -22.76 -8.81
N TRP A 159 10.36 -21.75 -8.97
CA TRP A 159 10.53 -21.09 -10.29
C TRP A 159 11.07 -22.10 -11.33
N LEU A 160 12.08 -22.88 -10.94
CA LEU A 160 12.77 -23.79 -11.86
C LEU A 160 12.56 -25.23 -11.45
N ASN A 161 12.65 -26.13 -12.44
CA ASN A 161 12.71 -27.56 -12.14
C ASN A 161 14.13 -28.12 -12.14
N SER A 162 15.11 -27.26 -12.41
CA SER A 162 16.50 -27.63 -12.29
C SER A 162 16.94 -27.41 -10.84
N ASP A 163 17.21 -26.16 -10.49
CA ASP A 163 17.65 -25.81 -9.16
C ASP A 163 16.47 -25.25 -8.41
N HIS A 164 16.37 -25.56 -7.11
CA HIS A 164 15.26 -25.12 -6.25
C HIS A 164 15.74 -24.07 -5.25
N ASN A 165 15.72 -22.82 -5.71
CA ASN A 165 16.25 -21.69 -4.93
C ASN A 165 15.24 -20.60 -4.66
N THR A 166 14.16 -20.51 -5.44
CA THR A 166 13.23 -19.42 -5.29
CA THR A 166 13.22 -19.38 -5.32
C THR A 166 11.83 -19.85 -5.71
N LYS A 167 10.82 -19.23 -5.08
CA LYS A 167 9.42 -19.47 -5.42
C LYS A 167 8.85 -18.11 -5.77
N ASN A 168 8.20 -17.98 -6.94
CA ASN A 168 8.02 -16.67 -7.55
C ASN A 168 6.55 -16.42 -7.92
N ALA A 169 6.14 -15.16 -7.90
CA ALA A 169 4.80 -14.80 -8.33
C ALA A 169 4.55 -15.22 -9.78
N CYS A 170 5.60 -15.13 -10.63
CA CYS A 170 5.42 -15.37 -12.05
C CYS A 170 5.21 -16.84 -12.42
N ILE A 171 5.40 -17.76 -11.48
CA ILE A 171 4.92 -19.14 -11.63
C ILE A 171 3.65 -19.39 -10.80
N ASN A 172 3.59 -18.92 -9.55
CA ASN A 172 2.48 -19.29 -8.69
C ASN A 172 1.14 -18.71 -9.12
N PHE A 173 1.04 -17.42 -9.45
CA PHE A 173 -0.28 -16.92 -9.83
C PHE A 173 -0.72 -17.42 -11.19
N PRO A 174 0.17 -17.51 -12.20
CA PRO A 174 -0.21 -18.17 -13.44
C PRO A 174 -0.66 -19.62 -13.23
N ALA A 175 -0.04 -20.32 -12.31
CA ALA A 175 -0.48 -21.68 -12.04
C ALA A 175 -1.90 -21.72 -11.47
N ALA A 176 -2.23 -20.80 -10.57
CA ALA A 176 -3.59 -20.71 -10.06
C ALA A 176 -4.55 -20.41 -11.21
N GLN A 177 -4.18 -19.50 -12.11
CA GLN A 177 -5.03 -19.21 -13.27
C GLN A 177 -5.24 -20.41 -14.16
N ALA A 178 -4.17 -21.15 -14.43
CA ALA A 178 -4.27 -22.33 -15.26
C ALA A 178 -5.18 -23.39 -14.60
N ALA A 179 -5.03 -23.58 -13.29
CA ALA A 179 -5.90 -24.49 -12.56
C ALA A 179 -7.36 -24.07 -12.67
N LEU A 180 -7.63 -22.78 -12.59
CA LEU A 180 -9.01 -22.30 -12.70
C LEU A 180 -9.58 -22.54 -14.08
N TYR A 181 -8.80 -22.32 -15.14
CA TYR A 181 -9.26 -22.69 -16.49
C TYR A 181 -9.54 -24.21 -16.56
N LEU A 182 -8.63 -25.02 -16.04
CA LEU A 182 -8.82 -26.47 -16.07
C LEU A 182 -10.04 -26.90 -15.27
N TYR A 183 -10.30 -26.25 -14.14
CA TYR A 183 -11.52 -26.52 -13.37
C TYR A 183 -12.75 -26.20 -14.22
N ASP A 184 -12.76 -25.04 -14.86
CA ASP A 184 -13.92 -24.63 -15.64
C ASP A 184 -14.18 -25.64 -16.77
N ILE A 185 -13.11 -26.15 -17.38
CA ILE A 185 -13.24 -27.07 -18.51
C ILE A 185 -13.72 -28.44 -18.04
N THR A 186 -13.04 -28.98 -17.02
CA THR A 186 -13.21 -30.39 -16.67
C THR A 186 -14.27 -30.61 -15.62
N LYS A 187 -14.53 -29.60 -14.80
CA LYS A 187 -15.35 -29.73 -13.57
C LYS A 187 -14.74 -30.64 -12.49
N ASP A 188 -13.44 -30.95 -12.60
CA ASP A 188 -12.73 -31.81 -11.66
C ASP A 188 -12.26 -30.95 -10.50
N GLU A 189 -12.79 -31.25 -9.30
CA GLU A 189 -12.51 -30.43 -8.12
C GLU A 189 -11.04 -30.45 -7.78
N HIS A 190 -10.31 -31.46 -8.27
CA HIS A 190 -8.85 -31.46 -8.15
C HIS A 190 -8.24 -30.09 -8.51
N TYR A 191 -8.74 -29.50 -9.59
CA TYR A 191 -8.18 -28.25 -10.10
C TYR A 191 -8.63 -27.02 -9.31
N LEU A 192 -9.87 -27.01 -8.82
CA LEU A 192 -10.30 -25.92 -7.94
C LEU A 192 -9.50 -25.96 -6.62
N ASN A 193 -9.29 -27.15 -6.07
CA ASN A 193 -8.53 -27.30 -4.84
C ASN A 193 -7.11 -26.78 -5.05
N ALA A 194 -6.50 -27.13 -6.19
CA ALA A 194 -5.16 -26.63 -6.49
C ALA A 194 -5.14 -25.10 -6.55
N ALA A 195 -6.08 -24.52 -7.28
CA ALA A 195 -6.13 -23.06 -7.37
C ALA A 195 -6.26 -22.38 -6.01
N THR A 196 -7.15 -22.92 -5.18
CA THR A 196 -7.39 -22.39 -3.85
CA THR A 196 -7.37 -22.32 -3.88
C THR A 196 -6.11 -22.41 -3.01
N LYS A 197 -5.44 -23.56 -3.03
CA LYS A 197 -4.25 -23.79 -2.24
C LYS A 197 -3.09 -22.90 -2.68
N ILE A 198 -2.89 -22.83 -4.00
CA ILE A 198 -1.81 -22.00 -4.56
C ILE A 198 -2.06 -20.54 -4.22
N PHE A 199 -3.29 -20.09 -4.48
CA PHE A 199 -3.59 -18.69 -4.22
C PHE A 199 -3.50 -18.31 -2.74
N ARG A 200 -4.00 -19.17 -1.85
CA ARG A 200 -3.91 -18.88 -0.44
C ARG A 200 -2.46 -18.67 -0.05
N TRP A 201 -1.59 -19.58 -0.49
CA TRP A 201 -0.17 -19.44 -0.19
C TRP A 201 0.38 -18.16 -0.76
N GLY A 202 0.05 -17.86 -2.02
CA GLY A 202 0.61 -16.69 -2.65
C GLY A 202 0.13 -15.39 -2.02
N LYS A 203 -1.15 -15.32 -1.63
CA LYS A 203 -1.64 -14.15 -0.94
C LYS A 203 -0.88 -13.93 0.38
N THR A 204 -0.63 -15.02 1.10
CA THR A 204 -0.01 -14.93 2.41
C THR A 204 1.47 -14.59 2.32
N MET A 205 2.17 -15.26 1.40
CA MET A 205 3.63 -15.17 1.32
CA MET A 205 3.65 -15.19 1.31
C MET A 205 4.18 -14.22 0.27
N LEU A 206 3.39 -13.94 -0.75
CA LEU A 206 3.83 -13.09 -1.86
C LEU A 206 3.02 -11.84 -2.00
N THR A 207 2.33 -11.41 -0.95
CA THR A 207 1.75 -10.08 -0.96
C THR A 207 1.84 -9.47 0.42
N ASP A 208 1.59 -8.15 0.49
CA ASP A 208 1.50 -7.45 1.77
C ASP A 208 0.12 -7.49 2.42
N GLY A 209 -0.84 -8.21 1.83
CA GLY A 209 -2.19 -8.20 2.34
C GLY A 209 -3.04 -7.05 1.87
N ASN A 210 -2.44 -6.07 1.21
CA ASN A 210 -3.16 -4.88 0.73
C ASN A 210 -2.90 -4.64 -0.75
N GLY A 211 -2.64 -5.71 -1.49
CA GLY A 211 -2.59 -5.64 -2.94
C GLY A 211 -1.25 -5.43 -3.59
N LYS A 212 -0.19 -5.27 -2.80
CA LYS A 212 1.15 -5.21 -3.38
C LYS A 212 1.67 -6.65 -3.50
N VAL A 213 1.94 -7.08 -4.73
CA VAL A 213 2.39 -8.44 -4.99
C VAL A 213 3.93 -8.43 -5.07
N PHE A 214 4.56 -9.28 -4.26
CA PHE A 214 5.99 -9.39 -4.22
C PHE A 214 6.50 -10.29 -5.35
N ASP A 215 7.73 -10.05 -5.77
CA ASP A 215 8.30 -10.81 -6.88
C ASP A 215 8.52 -12.28 -6.54
N ARG A 216 9.13 -12.55 -5.40
CA ARG A 216 9.56 -13.92 -5.13
C ARG A 216 10.03 -14.01 -3.68
N ILE A 217 10.24 -15.25 -3.24
CA ILE A 217 10.95 -15.55 -2.00
C ILE A 217 12.15 -16.41 -2.33
N GLU A 218 13.32 -15.96 -1.87
CA GLU A 218 14.59 -16.59 -2.17
C GLU A 218 15.09 -17.35 -0.96
N ILE A 219 15.47 -18.62 -1.15
CA ILE A 219 15.92 -19.41 -0.02
C ILE A 219 17.19 -18.78 0.51
N GLU A 220 17.31 -18.83 1.84
CA GLU A 220 18.42 -18.20 2.58
C GLU A 220 18.40 -16.69 2.57
N HIS A 221 17.32 -16.09 2.09
CA HIS A 221 17.19 -14.65 2.09
C HIS A 221 15.83 -14.22 2.63
N GLY A 222 14.77 -14.61 1.94
CA GLY A 222 13.43 -14.20 2.26
C GLY A 222 12.79 -13.49 1.08
N ALA A 223 11.72 -12.76 1.35
CA ALA A 223 10.94 -12.11 0.32
C ALA A 223 11.71 -11.00 -0.34
N VAL A 224 11.41 -10.82 -1.64
CA VAL A 224 11.92 -9.70 -2.45
C VAL A 224 10.68 -8.91 -2.87
N PRO A 225 10.39 -7.80 -2.17
CA PRO A 225 9.09 -7.12 -2.32
C PRO A 225 9.06 -6.10 -3.46
N ASP A 226 9.57 -6.51 -4.61
CA ASP A 226 9.53 -5.72 -5.83
C ASP A 226 8.26 -6.01 -6.58
N ALA A 227 7.45 -5.00 -6.87
CA ALA A 227 6.17 -5.19 -7.60
C ALA A 227 6.34 -4.83 -9.08
N THR A 228 5.60 -5.57 -9.91
CA THR A 228 5.63 -5.36 -11.36
C THR A 228 4.25 -5.54 -11.95
N HIS A 229 4.04 -4.97 -13.12
CA HIS A 229 2.75 -5.08 -13.78
C HIS A 229 2.27 -6.49 -14.00
N TYR A 230 3.14 -7.39 -14.47
CA TYR A 230 2.62 -8.72 -14.82
C TYR A 230 2.23 -9.54 -13.61
N ASN A 231 2.89 -9.33 -12.47
CA ASN A 231 2.54 -10.03 -11.25
C ASN A 231 1.30 -9.45 -10.56
N GLN A 232 1.11 -8.12 -10.64
CA GLN A 232 -0.18 -7.59 -10.27
C GLN A 232 -1.26 -8.22 -11.12
N GLY A 233 -1.01 -8.35 -12.41
CA GLY A 233 -2.02 -8.89 -13.32
C GLY A 233 -2.44 -10.30 -13.05
N THR A 234 -1.50 -11.21 -12.90
CA THR A 234 -1.88 -12.60 -12.70
C THR A 234 -2.49 -12.83 -11.30
N TYR A 235 -2.07 -12.07 -10.31
CA TYR A 235 -2.75 -12.07 -9.02
C TYR A 235 -4.21 -11.65 -9.18
N ILE A 236 -4.45 -10.54 -9.88
CA ILE A 236 -5.81 -10.07 -10.07
C ILE A 236 -6.65 -11.08 -10.84
N GLY A 237 -6.09 -11.66 -11.90
CA GLY A 237 -6.84 -12.64 -12.68
C GLY A 237 -7.18 -13.88 -11.91
N SER A 238 -6.23 -14.40 -11.14
CA SER A 238 -6.56 -15.56 -10.34
CA SER A 238 -6.48 -15.52 -10.24
C SER A 238 -7.57 -15.23 -9.22
N ALA A 239 -7.48 -14.06 -8.62
CA ALA A 239 -8.45 -13.67 -7.59
C ALA A 239 -9.85 -13.57 -8.19
N VAL A 240 -9.99 -12.93 -9.36
CA VAL A 240 -11.30 -12.84 -10.02
C VAL A 240 -11.82 -14.23 -10.35
N GLY A 241 -10.95 -15.09 -10.86
CA GLY A 241 -11.39 -16.45 -11.21
C GLY A 241 -11.82 -17.22 -9.98
N LEU A 242 -11.14 -17.06 -8.87
CA LEU A 242 -11.53 -17.72 -7.60
C LEU A 242 -12.84 -17.16 -7.05
N TYR A 243 -13.05 -15.86 -7.16
CA TYR A 243 -14.33 -15.27 -6.81
C TYR A 243 -15.47 -15.94 -7.55
N LYS A 244 -15.31 -16.04 -8.87
CA LYS A 244 -16.38 -16.62 -9.70
C LYS A 244 -16.59 -18.10 -9.39
N ALA A 245 -15.53 -18.85 -9.12
CA ALA A 245 -15.67 -20.30 -8.90
C ALA A 245 -16.19 -20.63 -7.53
N THR A 246 -15.95 -19.78 -6.54
CA THR A 246 -16.26 -20.12 -5.16
C THR A 246 -17.42 -19.35 -4.56
N GLY A 247 -17.78 -18.21 -5.14
CA GLY A 247 -18.77 -17.35 -4.50
C GLY A 247 -18.33 -16.65 -3.23
N ASN A 248 -17.02 -16.59 -2.97
CA ASN A 248 -16.47 -15.96 -1.77
C ASN A 248 -15.99 -14.58 -2.14
N ALA A 249 -16.69 -13.58 -1.63
CA ALA A 249 -16.44 -12.19 -1.93
C ALA A 249 -15.06 -11.71 -1.50
N VAL A 250 -14.40 -12.42 -0.58
CA VAL A 250 -13.06 -12.01 -0.18
CA VAL A 250 -13.05 -12.04 -0.18
C VAL A 250 -12.12 -11.96 -1.40
N TYR A 251 -12.30 -12.88 -2.36
CA TYR A 251 -11.45 -12.90 -3.53
C TYR A 251 -11.65 -11.66 -4.39
N LEU A 252 -12.88 -11.19 -4.52
CA LEU A 252 -13.10 -9.94 -5.25
C LEU A 252 -12.46 -8.78 -4.52
N ASP A 253 -12.54 -8.76 -3.19
CA ASP A 253 -11.88 -7.72 -2.44
CA ASP A 253 -11.87 -7.76 -2.35
C ASP A 253 -10.35 -7.77 -2.66
N ASP A 254 -9.77 -8.98 -2.70
CA ASP A 254 -8.36 -9.18 -3.01
C ASP A 254 -8.00 -8.52 -4.34
N ALA A 255 -8.80 -8.79 -5.36
CA ALA A 255 -8.54 -8.27 -6.69
C ALA A 255 -8.59 -6.74 -6.71
N VAL A 256 -9.60 -6.18 -6.06
CA VAL A 256 -9.75 -4.74 -6.04
C VAL A 256 -8.56 -4.07 -5.35
N LYS A 257 -8.08 -4.64 -4.24
CA LYS A 257 -6.94 -4.03 -3.56
CA LYS A 257 -6.93 -4.04 -3.55
C LYS A 257 -5.70 -4.03 -4.47
N ALA A 258 -5.48 -5.12 -5.22
CA ALA A 258 -4.33 -5.17 -6.13
C ALA A 258 -4.49 -4.24 -7.31
N ALA A 259 -5.71 -4.04 -7.79
CA ALA A 259 -5.95 -3.05 -8.86
C ALA A 259 -5.70 -1.64 -8.36
N LYS A 260 -6.18 -1.33 -7.16
CA LYS A 260 -5.93 -0.05 -6.55
C LYS A 260 -4.44 0.21 -6.36
N PHE A 261 -3.71 -0.81 -5.89
CA PHE A 261 -2.29 -0.61 -5.72
C PHE A 261 -1.64 -0.27 -7.07
N THR A 262 -2.01 -1.00 -8.11
CA THR A 262 -1.44 -0.76 -9.43
C THR A 262 -1.71 0.65 -9.90
N LYS A 263 -2.97 1.06 -9.82
CA LYS A 263 -3.40 2.37 -10.27
C LYS A 263 -2.71 3.52 -9.55
N ASN A 264 -2.40 3.33 -8.27
CA ASN A 264 -1.80 4.40 -7.48
C ASN A 264 -0.26 4.35 -7.39
N HIS A 265 0.31 3.16 -7.58
CA HIS A 265 1.72 2.94 -7.24
C HIS A 265 2.57 2.34 -8.33
N LEU A 266 2.00 1.99 -9.49
CA LEU A 266 2.78 1.52 -10.63
C LEU A 266 2.52 2.38 -11.87
N VAL A 267 2.38 3.68 -11.59
CA VAL A 267 2.08 4.70 -12.58
C VAL A 267 3.04 5.88 -12.41
N ASP A 268 3.12 6.69 -13.46
CA ASP A 268 3.84 7.94 -13.39
C ASP A 268 2.99 9.03 -12.73
N SER A 269 3.51 10.25 -12.70
CA SER A 269 2.86 11.35 -11.99
CA SER A 269 2.83 11.33 -11.97
C SER A 269 1.54 11.80 -12.64
N ASN A 270 1.29 11.37 -13.87
CA ASN A 270 0.01 11.64 -14.55
C ASN A 270 -0.97 10.47 -14.52
N GLY A 271 -0.57 9.39 -13.87
CA GLY A 271 -1.38 8.18 -13.78
C GLY A 271 -1.27 7.23 -14.94
N VAL A 272 -0.30 7.45 -15.84
CA VAL A 272 -0.06 6.51 -16.93
C VAL A 272 0.80 5.37 -16.41
N LEU A 273 0.39 4.14 -16.68
CA LEU A 273 1.18 2.98 -16.28
C LEU A 273 2.65 3.14 -16.68
N ASN A 274 3.51 2.73 -15.76
CA ASN A 274 4.97 2.84 -15.92
C ASN A 274 5.52 2.06 -17.08
N TYR A 275 6.72 2.46 -17.48
CA TYR A 275 7.57 1.69 -18.38
C TYR A 275 8.55 0.91 -17.53
N GLU A 276 8.60 -0.41 -17.75
CA GLU A 276 9.42 -1.29 -16.94
C GLU A 276 10.72 -1.78 -17.61
N GLY A 277 11.12 -1.17 -18.74
CA GLY A 277 12.41 -1.45 -19.29
C GLY A 277 13.54 -1.00 -18.36
N PRO A 278 14.77 -1.40 -18.63
CA PRO A 278 15.17 -2.06 -19.85
C PRO A 278 15.03 -3.59 -19.86
N ASN A 279 14.68 -4.20 -18.73
CA ASN A 279 14.53 -5.64 -18.69
C ASN A 279 13.58 -6.14 -19.78
N GLY A 280 14.05 -7.06 -20.59
CA GLY A 280 13.30 -7.57 -21.74
C GLY A 280 12.03 -8.30 -21.39
N ASP A 281 12.06 -9.04 -20.30
CA ASP A 281 10.86 -9.76 -19.84
C ASP A 281 9.79 -8.80 -19.33
N LEU A 282 10.21 -7.75 -18.60
CA LEU A 282 9.27 -6.81 -18.00
C LEU A 282 8.72 -5.79 -18.98
N LYS A 283 9.47 -5.47 -20.04
CA LYS A 283 9.09 -4.34 -20.88
C LYS A 283 7.68 -4.43 -21.42
N GLY A 284 7.25 -5.64 -21.75
CA GLY A 284 5.92 -5.90 -22.27
C GLY A 284 4.88 -6.30 -21.24
N GLY A 285 5.19 -6.20 -19.95
CA GLY A 285 4.29 -6.70 -18.91
C GLY A 285 2.96 -6.05 -18.80
N LYS A 286 2.80 -4.83 -19.29
CA LYS A 286 1.50 -4.22 -19.37
C LYS A 286 0.51 -5.05 -20.19
N THR A 287 0.99 -5.91 -21.09
CA THR A 287 0.11 -6.78 -21.84
C THR A 287 -0.66 -7.71 -20.89
N ILE A 288 0.09 -8.37 -20.00
CA ILE A 288 -0.53 -9.29 -19.05
C ILE A 288 -1.39 -8.53 -18.05
N LEU A 289 -0.93 -7.36 -17.61
CA LEU A 289 -1.72 -6.57 -16.71
C LEU A 289 -3.07 -6.18 -17.34
N MET A 290 -3.04 -5.61 -18.53
CA MET A 290 -4.28 -5.17 -19.15
C MET A 290 -5.24 -6.33 -19.38
N ARG A 291 -4.74 -7.50 -19.75
CA ARG A 291 -5.60 -8.65 -19.97
C ARG A 291 -6.41 -8.94 -18.71
N ASN A 292 -5.74 -8.92 -17.57
CA ASN A 292 -6.39 -9.24 -16.30
C ASN A 292 -7.20 -8.10 -15.70
N LEU A 293 -6.80 -6.86 -15.90
CA LEU A 293 -7.64 -5.73 -15.49
C LEU A 293 -8.99 -5.78 -16.22
N ALA A 294 -8.99 -6.21 -17.47
CA ALA A 294 -10.27 -6.34 -18.21
C ALA A 294 -11.19 -7.36 -17.56
N HIS A 295 -10.63 -8.43 -17.00
CA HIS A 295 -11.45 -9.40 -16.25
C HIS A 295 -12.10 -8.77 -15.03
N LEU A 296 -11.34 -7.97 -14.29
CA LEU A 296 -11.90 -7.30 -13.14
C LEU A 296 -12.98 -6.32 -13.58
N GLN A 297 -12.71 -5.57 -14.65
CA GLN A 297 -13.69 -4.59 -15.14
C GLN A 297 -15.02 -5.29 -15.47
N LYS A 298 -14.93 -6.44 -16.14
CA LYS A 298 -16.12 -7.18 -16.56
C LYS A 298 -16.90 -7.65 -15.32
N THR A 299 -16.21 -8.21 -14.34
CA THR A 299 -16.87 -8.68 -13.11
C THR A 299 -17.50 -7.55 -12.33
N LEU A 300 -16.82 -6.40 -12.22
CA LEU A 300 -17.43 -5.25 -11.54
C LEU A 300 -18.67 -4.78 -12.28
N ASP A 301 -18.63 -4.80 -13.61
CA ASP A 301 -19.77 -4.35 -14.39
C ASP A 301 -20.94 -5.32 -14.24
N GLU A 302 -20.66 -6.63 -14.25
CA GLU A 302 -21.72 -7.65 -14.15
C GLU A 302 -22.39 -7.65 -12.79
N THR A 303 -21.59 -7.49 -11.73
CA THR A 303 -22.07 -7.67 -10.37
C THR A 303 -22.57 -6.39 -9.73
N GLY A 304 -22.13 -5.25 -10.24
CA GLY A 304 -22.40 -3.97 -9.63
C GLY A 304 -21.72 -3.73 -8.30
N GLN A 305 -20.75 -4.58 -7.95
CA GLN A 305 -20.00 -4.40 -6.71
C GLN A 305 -18.93 -3.30 -6.87
N TYR A 306 -18.49 -2.75 -5.75
CA TYR A 306 -17.51 -1.66 -5.75
C TYR A 306 -17.85 -0.57 -6.79
N PRO A 307 -19.07 -0.01 -6.73
CA PRO A 307 -19.45 0.93 -7.79
C PRO A 307 -18.59 2.21 -7.87
N GLU A 308 -18.15 2.74 -6.73
CA GLU A 308 -17.32 3.96 -6.75
C GLU A 308 -15.96 3.68 -7.37
N PHE A 309 -15.34 2.61 -6.93
CA PHE A 309 -14.08 2.21 -7.52
C PHE A 309 -14.26 1.88 -9.01
N SER A 310 -15.31 1.15 -9.36
CA SER A 310 -15.54 0.77 -10.74
C SER A 310 -15.53 1.97 -11.68
N ALA A 311 -16.20 3.05 -11.28
CA ALA A 311 -16.24 4.28 -12.07
C ALA A 311 -14.87 4.90 -12.23
N GLU A 312 -14.14 5.02 -11.12
CA GLU A 312 -12.77 5.57 -11.15
C GLU A 312 -11.83 4.72 -12.02
N PHE A 313 -11.93 3.41 -11.84
CA PHE A 313 -11.12 2.41 -12.55
C PHE A 313 -11.38 2.47 -14.04
N ASP A 314 -12.65 2.55 -14.44
CA ASP A 314 -13.02 2.63 -15.85
C ASP A 314 -12.42 3.90 -16.50
N GLU A 315 -12.51 5.01 -15.81
CA GLU A 315 -12.02 6.30 -16.32
C GLU A 315 -10.48 6.26 -16.49
N TRP A 316 -9.82 5.66 -15.51
CA TRP A 316 -8.37 5.56 -15.50
C TRP A 316 -7.87 4.64 -16.63
N LEU A 317 -8.56 3.50 -16.82
CA LEU A 317 -8.23 2.60 -17.90
C LEU A 317 -8.40 3.31 -19.25
N ALA A 318 -9.51 3.99 -19.43
CA ALA A 318 -9.76 4.68 -20.69
C ALA A 318 -8.72 5.76 -20.99
N PHE A 319 -8.32 6.47 -19.95
CA PHE A 319 -7.25 7.46 -20.05
C PHE A 319 -5.93 6.83 -20.49
N ASN A 320 -5.55 5.74 -19.85
CA ASN A 320 -4.32 5.06 -20.24
C ASN A 320 -4.35 4.64 -21.71
N ILE A 321 -5.47 4.08 -22.13
CA ILE A 321 -5.61 3.60 -23.49
C ILE A 321 -5.51 4.74 -24.51
N GLU A 322 -6.18 5.85 -24.22
CA GLU A 322 -6.09 7.00 -25.11
C GLU A 322 -4.68 7.58 -25.19
N MET A 323 -4.00 7.68 -24.06
CA MET A 323 -2.65 8.21 -24.06
C MET A 323 -1.72 7.30 -24.86
N ALA A 324 -1.83 5.99 -24.64
CA ALA A 324 -1.00 5.04 -25.37
C ALA A 324 -1.20 5.19 -26.86
N TRP A 325 -2.46 5.15 -27.29
CA TRP A 325 -2.76 5.21 -28.74
C TRP A 325 -2.43 6.53 -29.39
N SER A 326 -2.35 7.59 -28.60
CA SER A 326 -1.93 8.88 -29.14
C SER A 326 -0.45 8.89 -29.57
N HIS A 327 0.29 7.87 -29.15
CA HIS A 327 1.68 7.72 -29.55
C HIS A 327 1.90 6.71 -30.66
N GLN A 328 0.81 6.26 -31.29
CA GLN A 328 0.94 5.30 -32.39
C GLN A 328 1.72 5.98 -33.52
N ASN A 329 2.52 5.18 -34.21
CA ASN A 329 3.19 5.62 -35.41
C ASN A 329 2.21 5.51 -36.60
N SER A 330 2.68 5.80 -37.80
CA SER A 330 1.82 5.82 -38.99
C SER A 330 1.35 4.43 -39.43
N ASP A 331 2.02 3.39 -38.91
CA ASP A 331 1.59 2.00 -39.15
C ASP A 331 0.69 1.46 -38.03
N HIS A 332 0.24 2.35 -37.13
CA HIS A 332 -0.64 2.00 -36.01
C HIS A 332 -0.01 1.03 -35.02
N ILE A 333 1.28 1.20 -34.79
CA ILE A 333 2.06 0.48 -33.77
C ILE A 333 2.40 1.45 -32.63
N VAL A 334 2.21 0.99 -31.39
CA VAL A 334 2.46 1.79 -30.19
C VAL A 334 3.54 1.14 -29.38
N ASP A 335 4.65 1.84 -29.24
CA ASP A 335 5.73 1.42 -28.39
C ASP A 335 5.23 1.37 -26.94
N GLY A 336 5.79 0.46 -26.20
CA GLY A 336 5.41 0.25 -24.82
C GLY A 336 5.81 1.32 -23.81
N ASN A 337 6.63 2.32 -24.17
CA ASN A 337 6.71 3.49 -23.31
C ASN A 337 5.53 4.41 -23.63
N TRP A 338 4.45 4.23 -22.87
CA TRP A 338 3.17 4.93 -23.15
C TRP A 338 3.16 6.43 -22.85
N ALA A 339 4.16 6.90 -22.13
CA ALA A 339 4.28 8.32 -21.85
C ALA A 339 5.06 9.05 -22.91
N GLY A 340 5.67 8.33 -23.86
CA GLY A 340 6.48 8.97 -24.90
C GLY A 340 6.47 8.31 -26.27
N GLY A 345 14.11 3.69 -34.34
CA GLY A 345 13.08 3.29 -35.31
C GLY A 345 12.56 1.85 -35.24
N THR A 346 13.16 1.03 -34.38
CA THR A 346 12.81 -0.39 -34.25
C THR A 346 11.74 -0.62 -33.16
N TYR A 347 10.62 -1.18 -33.57
CA TYR A 347 9.53 -1.53 -32.67
C TYR A 347 9.64 -3.02 -32.33
N GLU A 348 9.33 -3.33 -31.08
CA GLU A 348 9.45 -4.70 -30.55
C GLU A 348 8.07 -5.26 -30.31
N SER A 349 7.88 -6.55 -30.61
CA SER A 349 6.56 -7.12 -30.47
C SER A 349 6.06 -7.22 -29.04
N TRP A 350 6.95 -7.52 -28.07
CA TRP A 350 6.46 -7.61 -26.69
C TRP A 350 6.05 -6.24 -26.17
N SER A 351 6.92 -5.26 -26.31
CA SER A 351 6.58 -3.92 -25.83
CA SER A 351 6.63 -3.89 -25.90
C SER A 351 5.36 -3.35 -26.55
N SER A 352 5.22 -3.63 -27.84
CA SER A 352 4.12 -3.08 -28.61
C SER A 352 2.79 -3.81 -28.39
N ALA A 353 2.83 -5.01 -27.80
CA ALA A 353 1.62 -5.81 -27.63
C ALA A 353 0.62 -5.17 -26.66
N ALA A 354 1.09 -4.41 -25.67
CA ALA A 354 0.21 -3.98 -24.59
C ALA A 354 -0.88 -3.07 -25.11
N ALA A 355 -0.54 -2.19 -26.05
CA ALA A 355 -1.54 -1.29 -26.57
C ALA A 355 -2.63 -2.04 -27.37
N VAL A 356 -2.23 -3.10 -28.05
CA VAL A 356 -3.15 -3.94 -28.79
C VAL A 356 -4.09 -4.66 -27.80
N GLN A 357 -3.50 -5.27 -26.77
CA GLN A 357 -4.25 -5.95 -25.75
C GLN A 357 -5.32 -5.02 -25.17
N ALA A 358 -4.93 -3.79 -24.91
CA ALA A 358 -5.81 -2.82 -24.29
C ALA A 358 -7.09 -2.52 -25.08
N LEU A 359 -6.99 -2.60 -26.39
CA LEU A 359 -8.16 -2.39 -27.26
C LEU A 359 -8.95 -3.66 -27.55
N ASN A 360 -8.52 -4.77 -26.97
CA ASN A 360 -9.16 -6.06 -27.17
C ASN A 360 -9.56 -6.66 -25.83
N GLY A 361 -10.10 -5.80 -24.96
CA GLY A 361 -10.66 -6.18 -23.66
C GLY A 361 -12.18 -6.42 -23.70
N ILE A 362 -12.91 -5.73 -22.83
CA ILE A 362 -14.37 -5.87 -22.78
C ILE A 362 -15.02 -4.91 -23.79
N HIS B 6 17.05 12.53 33.28
CA HIS B 6 16.18 12.69 32.08
C HIS B 6 14.69 12.75 32.48
N HIS B 7 13.86 11.75 32.11
CA HIS B 7 12.41 11.84 32.42
C HIS B 7 12.14 11.67 33.91
N HIS B 8 11.12 12.39 34.37
CA HIS B 8 10.61 12.28 35.73
C HIS B 8 9.67 11.09 35.91
N HIS B 9 9.61 10.60 37.15
CA HIS B 9 8.77 9.47 37.53
C HIS B 9 8.06 9.83 38.85
N HIS B 10 6.94 9.17 39.10
CA HIS B 10 6.16 9.41 40.31
C HIS B 10 5.13 8.26 40.43
N SER B 11 5.00 7.65 41.60
CA SER B 11 3.90 6.66 41.77
C SER B 11 2.52 7.34 41.57
N SER B 12 1.42 6.60 41.41
CA SER B 12 1.33 5.14 41.31
C SER B 12 0.32 4.79 40.22
N ALA B 25 23.40 26.07 14.69
CA ALA B 25 22.01 25.62 14.77
C ALA B 25 21.70 24.51 13.78
N SER B 26 21.00 23.49 14.26
CA SER B 26 20.47 22.45 13.38
C SER B 26 19.31 23.00 12.55
N ASP B 27 18.96 22.25 11.52
CA ASP B 27 17.74 22.56 10.76
C ASP B 27 16.53 22.48 11.68
N GLY B 28 16.52 21.57 12.65
CA GLY B 28 15.41 21.47 13.62
C GLY B 28 15.25 22.74 14.44
N ASP B 29 16.38 23.31 14.87
CA ASP B 29 16.35 24.58 15.61
C ASP B 29 15.76 25.70 14.74
N THR B 30 16.28 25.82 13.52
CA THR B 30 15.84 26.87 12.59
C THR B 30 14.36 26.76 12.31
N ALA B 31 13.91 25.52 12.07
CA ALA B 31 12.52 25.28 11.75
C ALA B 31 11.60 25.61 12.92
N MET B 32 12.00 25.22 14.14
CA MET B 32 11.18 25.53 15.33
C MET B 32 11.14 27.02 15.60
N LYS B 33 12.30 27.70 15.52
CA LYS B 33 12.33 29.14 15.73
C LYS B 33 11.42 29.86 14.73
N ALA B 34 11.48 29.43 13.47
CA ALA B 34 10.66 30.05 12.43
C ALA B 34 9.18 29.82 12.70
N PHE B 35 8.84 28.61 13.11
CA PHE B 35 7.47 28.26 13.43
C PHE B 35 6.94 29.13 14.56
N ASN B 36 7.71 29.28 15.63
CA ASN B 36 7.34 30.17 16.71
C ASN B 36 7.20 31.63 16.25
N ASP B 37 8.18 32.09 15.47
CA ASP B 37 8.17 33.48 15.00
C ASP B 37 6.91 33.78 14.20
N THR B 38 6.48 32.80 13.41
CA THR B 38 5.34 32.97 12.50
C THR B 38 4.00 32.78 13.23
N PHE B 39 3.94 31.83 14.16
CA PHE B 39 2.66 31.41 14.70
C PHE B 39 2.44 31.58 16.19
N TRP B 40 3.50 31.73 17.00
CA TRP B 40 3.27 31.76 18.44
C TRP B 40 2.71 33.11 18.86
N ASP B 41 1.66 33.09 19.67
CA ASP B 41 1.07 34.31 20.28
C ASP B 41 1.56 34.36 21.72
N PRO B 42 2.53 35.24 22.02
CA PRO B 42 3.02 35.27 23.40
C PRO B 42 2.04 35.94 24.38
N ASN B 43 1.02 36.64 23.88
CA ASN B 43 0.05 37.27 24.74
C ASN B 43 -0.94 36.24 25.25
N ALA B 44 -1.53 35.49 24.33
CA ALA B 44 -2.50 34.45 24.67
C ALA B 44 -1.84 33.12 25.06
N LYS B 45 -0.53 33.01 24.80
CA LYS B 45 0.22 31.76 25.02
CA LYS B 45 0.21 31.77 25.04
C LYS B 45 -0.46 30.59 24.31
N MET B 46 -0.71 30.82 23.03
CA MET B 46 -1.33 29.83 22.15
CA MET B 46 -1.32 29.83 22.18
C MET B 46 -0.79 30.07 20.76
N PHE B 47 -0.75 29.01 19.94
CA PHE B 47 -0.42 29.22 18.53
C PHE B 47 -1.62 29.80 17.78
N TRP B 48 -1.33 30.68 16.84
CA TRP B 48 -2.28 31.10 15.82
C TRP B 48 -2.53 29.95 14.84
N LYS B 49 -3.75 29.90 14.30
CA LYS B 49 -4.09 28.91 13.30
C LYS B 49 -3.41 29.18 11.95
N ASP B 50 -3.21 30.45 11.61
CA ASP B 50 -2.50 30.80 10.39
C ASP B 50 -1.82 32.15 10.58
N SER B 51 -1.09 32.57 9.58
CA SER B 51 -0.23 33.74 9.67
C SER B 51 -0.99 35.07 9.61
N LYS B 52 -2.28 35.03 9.33
CA LYS B 52 -3.13 36.23 9.51
C LYS B 52 -3.34 36.60 10.99
N ARG B 53 -3.07 35.66 11.88
CA ARG B 53 -3.13 35.89 13.32
C ARG B 53 -4.50 36.44 13.74
N GLU B 54 -5.56 35.78 13.26
CA GLU B 54 -6.91 36.17 13.62
C GLU B 54 -7.64 35.17 14.49
N LYS B 55 -7.25 33.91 14.38
CA LYS B 55 -7.91 32.82 15.09
C LYS B 55 -6.84 31.90 15.64
N HIS B 56 -6.95 31.54 16.91
CA HIS B 56 -5.98 30.60 17.50
C HIS B 56 -6.29 29.19 17.04
N GLN B 57 -5.28 28.33 17.18
CA GLN B 57 -5.36 26.96 16.73
C GLN B 57 -6.43 26.20 17.50
N ASP B 58 -7.04 25.22 16.84
CA ASP B 58 -8.06 24.38 17.44
C ASP B 58 -7.52 23.69 18.70
N PHE B 59 -8.41 23.41 19.63
CA PHE B 59 -8.07 22.75 20.88
C PHE B 59 -7.20 21.48 20.66
N TRP B 60 -7.70 20.52 19.89
CA TRP B 60 -6.96 19.25 19.80
C TRP B 60 -5.61 19.44 19.14
N VAL B 61 -5.58 20.24 18.07
CA VAL B 61 -4.34 20.45 17.34
C VAL B 61 -3.31 21.14 18.24
N GLU B 62 -3.78 22.02 19.13
CA GLU B 62 -2.87 22.68 20.06
C GLU B 62 -2.11 21.68 20.94
N ALA B 63 -2.72 20.54 21.30
CA ALA B 63 -2.00 19.49 22.05
C ALA B 63 -0.86 18.91 21.22
N GLU B 64 -1.08 18.83 19.91
CA GLU B 64 -0.08 18.28 19.00
C GLU B 64 1.07 19.25 18.78
N LEU B 65 0.75 20.55 18.77
CA LEU B 65 1.78 21.58 18.72
C LEU B 65 2.53 21.65 20.05
N TRP B 66 1.82 21.38 21.16
CA TRP B 66 2.47 21.28 22.47
C TRP B 66 3.54 20.16 22.43
N GLU B 67 3.15 19.00 21.90
CA GLU B 67 4.11 17.90 21.74
C GLU B 67 5.26 18.27 20.80
N LEU B 68 4.98 19.06 19.76
CA LEU B 68 6.07 19.51 18.88
C LEU B 68 7.11 20.32 19.67
N VAL B 69 6.65 21.24 20.50
CA VAL B 69 7.54 22.03 21.36
C VAL B 69 8.37 21.06 22.21
N MET B 70 7.72 20.04 22.79
CA MET B 70 8.45 19.05 23.57
C MET B 70 9.50 18.29 22.78
N ASP B 71 9.16 17.92 21.54
CA ASP B 71 10.08 17.21 20.71
C ASP B 71 11.29 18.08 20.31
N ALA B 72 11.04 19.36 20.03
CA ALA B 72 12.15 20.27 19.76
C ALA B 72 13.03 20.45 21.01
N TYR B 73 12.40 20.57 22.18
CA TYR B 73 13.11 20.62 23.45
C TYR B 73 14.03 19.40 23.61
N GLN B 74 13.55 18.20 23.26
CA GLN B 74 14.34 16.97 23.41
CA GLN B 74 14.35 17.00 23.44
C GLN B 74 15.37 16.80 22.32
N HIS B 75 15.20 17.51 21.21
CA HIS B 75 16.10 17.37 20.07
C HIS B 75 17.29 18.35 20.09
N THR B 76 17.04 19.57 20.56
CA THR B 76 18.05 20.61 20.39
C THR B 76 19.27 20.43 21.28
N SER B 77 20.40 20.92 20.79
CA SER B 77 21.61 20.98 21.64
CA SER B 77 21.65 20.98 21.57
C SER B 77 22.00 22.43 21.94
N ASP B 78 21.15 23.36 21.58
CA ASP B 78 21.33 24.78 21.89
C ASP B 78 20.75 25.02 23.29
N PRO B 79 21.62 25.25 24.31
CA PRO B 79 21.08 25.35 25.67
C PRO B 79 20.13 26.54 25.89
N ALA B 80 20.35 27.64 25.17
CA ALA B 80 19.46 28.79 25.30
C ALA B 80 18.08 28.49 24.73
N LEU B 81 18.05 27.93 23.54
CA LEU B 81 16.80 27.54 22.91
C LEU B 81 16.09 26.47 23.75
N LYS B 82 16.86 25.52 24.25
CA LYS B 82 16.30 24.47 25.07
C LYS B 82 15.54 25.04 26.30
N ALA B 83 16.17 25.98 26.98
CA ALA B 83 15.56 26.60 28.15
C ALA B 83 14.27 27.39 27.77
N GLU B 84 14.33 28.09 26.64
CA GLU B 84 13.16 28.80 26.09
C GLU B 84 12.00 27.83 25.79
N LEU B 85 12.33 26.73 25.14
CA LEU B 85 11.31 25.72 24.82
C LEU B 85 10.74 25.07 26.08
N LYS B 86 11.58 24.82 27.08
CA LYS B 86 11.07 24.26 28.33
C LYS B 86 10.04 25.18 28.99
N THR B 87 10.33 26.49 28.99
CA THR B 87 9.35 27.45 29.50
C THR B 87 8.06 27.45 28.67
N GLN B 88 8.24 27.33 27.36
CA GLN B 88 7.10 27.30 26.45
C GLN B 88 6.19 26.10 26.69
N ILE B 89 6.77 24.99 27.17
CA ILE B 89 5.92 23.85 27.54
C ILE B 89 4.88 24.28 28.59
N ASP B 90 5.34 25.00 29.63
CA ASP B 90 4.41 25.47 30.65
C ASP B 90 3.44 26.53 30.10
N ASP B 91 3.96 27.42 29.25
CA ASP B 91 3.14 28.50 28.71
C ASP B 91 2.00 27.97 27.85
N VAL B 92 2.26 26.97 27.01
CA VAL B 92 1.19 26.39 26.20
C VAL B 92 0.05 25.88 27.09
N TYR B 93 0.39 25.14 28.14
CA TYR B 93 -0.62 24.66 29.06
C TYR B 93 -1.39 25.85 29.66
N ASP B 94 -0.67 26.85 30.16
CA ASP B 94 -1.32 28.00 30.78
C ASP B 94 -2.28 28.72 29.81
N GLY B 95 -1.86 28.94 28.56
CA GLY B 95 -2.70 29.61 27.58
C GLY B 95 -3.98 28.83 27.31
N THR B 96 -3.84 27.52 27.19
CA THR B 96 -4.97 26.66 26.95
C THR B 96 -5.94 26.65 28.14
N VAL B 97 -5.41 26.51 29.36
CA VAL B 97 -6.24 26.50 30.54
C VAL B 97 -6.96 27.85 30.72
N ALA B 98 -6.30 28.95 30.34
CA ALA B 98 -6.95 30.27 30.43
C ALA B 98 -8.20 30.35 29.53
N LYS B 99 -8.17 29.68 28.38
CA LYS B 99 -9.29 29.72 27.43
C LYS B 99 -10.31 28.62 27.66
N TYR B 100 -9.82 27.42 27.99
CA TYR B 100 -10.64 26.19 27.99
C TYR B 100 -10.86 25.60 29.39
N GLY B 101 -10.21 26.18 30.40
CA GLY B 101 -10.26 25.62 31.75
C GLY B 101 -9.32 24.45 31.99
N GLN B 102 -9.26 24.01 33.25
CA GLN B 102 -8.40 22.89 33.67
C GLN B 102 -9.09 21.54 33.47
N ASP B 103 -10.42 21.54 33.51
CA ASP B 103 -11.23 20.33 33.41
C ASP B 103 -11.81 20.25 32.02
N TRP B 104 -11.26 19.36 31.20
CA TRP B 104 -11.67 19.20 29.81
C TRP B 104 -12.77 18.15 29.62
N THR B 105 -13.27 17.59 30.72
CA THR B 105 -14.27 16.52 30.61
C THR B 105 -15.66 16.99 30.16
N ASN B 106 -15.86 18.30 30.06
CA ASN B 106 -17.04 18.88 29.40
C ASN B 106 -16.99 18.89 27.88
N ASN B 107 -15.82 18.58 27.32
CA ASN B 107 -15.66 18.46 25.87
C ASN B 107 -16.29 17.13 25.43
N PRO B 108 -17.23 17.17 24.48
CA PRO B 108 -17.92 15.94 24.07
C PRO B 108 -17.06 14.98 23.24
N PHE B 109 -15.89 15.44 22.76
CA PHE B 109 -14.96 14.60 21.99
C PHE B 109 -13.95 13.91 22.92
N ASN B 110 -14.08 12.60 23.06
CA ASN B 110 -13.14 11.87 23.91
C ASN B 110 -11.70 11.96 23.39
N ASP B 111 -11.54 12.00 22.06
CA ASP B 111 -10.21 12.23 21.48
C ASP B 111 -9.63 13.59 21.85
N ASN B 112 -10.42 14.65 21.80
CA ASN B 112 -9.91 15.95 22.22
C ASN B 112 -9.30 15.85 23.61
N ILE B 113 -10.02 15.16 24.49
CA ILE B 113 -9.57 14.97 25.86
C ILE B 113 -8.26 14.18 25.89
N MET B 114 -8.25 13.05 25.19
CA MET B 114 -7.11 12.14 25.24
C MET B 114 -5.83 12.72 24.62
N TRP B 115 -5.97 13.51 23.56
CA TRP B 115 -4.78 14.16 22.99
C TRP B 115 -4.10 15.04 24.07
N TRP B 116 -4.91 15.73 24.89
CA TRP B 116 -4.40 16.56 25.95
C TRP B 116 -3.90 15.73 27.14
N ALA B 117 -4.55 14.60 27.41
CA ALA B 117 -4.08 13.72 28.47
C ALA B 117 -2.67 13.19 28.14
N MET B 118 -2.50 12.78 26.88
CA MET B 118 -1.21 12.29 26.43
C MET B 118 -0.15 13.40 26.49
N GLY B 119 -0.48 14.58 26.01
CA GLY B 119 0.46 15.66 26.10
C GLY B 119 0.85 15.98 27.54
N SER B 120 -0.14 15.96 28.42
CA SER B 120 0.09 16.22 29.83
C SER B 120 1.05 15.19 30.46
N ALA B 121 0.89 13.93 30.10
CA ALA B 121 1.79 12.91 30.62
C ALA B 121 3.23 13.22 30.20
N ARG B 122 3.40 13.58 28.93
CA ARG B 122 4.71 13.95 28.45
C ARG B 122 5.27 15.20 29.15
N ALA B 123 4.41 16.17 29.39
CA ALA B 123 4.85 17.37 30.09
C ALA B 123 5.34 17.03 31.48
N TYR B 124 4.68 16.08 32.14
CA TYR B 124 5.18 15.60 33.43
C TYR B 124 6.57 14.98 33.30
N GLN B 125 6.76 14.12 32.32
CA GLN B 125 8.05 13.47 32.12
C GLN B 125 9.16 14.51 31.96
N ILE B 126 8.89 15.59 31.25
CA ILE B 126 9.91 16.58 31.00
C ILE B 126 10.15 17.53 32.20
N THR B 127 9.07 18.01 32.82
CA THR B 127 9.17 19.08 33.82
C THR B 127 9.14 18.60 35.26
N GLY B 128 8.53 17.46 35.53
CA GLY B 128 8.32 16.97 36.89
C GLY B 128 7.26 17.76 37.67
N ASN B 129 6.51 18.63 37.00
CA ASN B 129 5.49 19.42 37.68
C ASN B 129 4.24 18.56 37.89
N PRO B 130 3.88 18.29 39.17
CA PRO B 130 2.75 17.34 39.40
C PRO B 130 1.41 17.76 38.81
N ARG B 131 1.22 19.02 38.48
CA ARG B 131 -0.04 19.44 37.86
C ARG B 131 -0.29 18.69 36.57
N TYR B 132 0.80 18.33 35.89
CA TYR B 132 0.67 17.60 34.61
C TYR B 132 0.30 16.14 34.81
N LEU B 133 0.85 15.53 35.85
CA LEU B 133 0.47 14.16 36.18
C LEU B 133 -1.02 14.06 36.56
N GLU B 134 -1.49 14.98 37.39
CA GLU B 134 -2.91 15.08 37.72
C GLU B 134 -3.76 15.25 36.46
N ALA B 135 -3.37 16.18 35.60
CA ALA B 135 -4.13 16.42 34.37
C ALA B 135 -4.18 15.15 33.51
N ALA B 136 -3.07 14.47 33.39
CA ALA B 136 -3.01 13.27 32.57
C ALA B 136 -3.86 12.16 33.14
N ARG B 137 -3.66 11.87 34.41
CA ARG B 137 -4.35 10.78 35.06
C ARG B 137 -5.86 11.03 35.11
N ASP B 138 -6.28 12.23 35.51
CA ASP B 138 -7.71 12.50 35.65
C ASP B 138 -8.44 12.39 34.32
N HIS B 139 -7.85 12.94 33.27
CA HIS B 139 -8.49 12.89 31.96
C HIS B 139 -8.43 11.50 31.31
N PHE B 140 -7.30 10.81 31.45
CA PHE B 140 -7.25 9.41 30.99
C PHE B 140 -8.32 8.58 31.70
N ASP B 141 -8.38 8.71 33.02
CA ASP B 141 -9.28 7.87 33.79
C ASP B 141 -10.74 8.19 33.40
N PHE B 142 -11.09 9.45 33.19
CA PHE B 142 -12.45 9.79 32.75
C PHE B 142 -12.81 9.03 31.47
N VAL B 143 -11.93 9.09 30.48
CA VAL B 143 -12.23 8.44 29.22
C VAL B 143 -12.22 6.94 29.34
N TYR B 144 -11.15 6.37 29.88
CA TYR B 144 -11.03 4.93 29.87
C TYR B 144 -12.06 4.28 30.79
N ASP B 145 -12.27 4.89 31.94
CA ASP B 145 -13.17 4.30 32.93
C ASP B 145 -14.63 4.41 32.52
N THR B 146 -15.02 5.45 31.80
CA THR B 146 -16.44 5.68 31.50
C THR B 146 -16.82 5.48 30.03
N GLN B 147 -15.83 5.46 29.13
CA GLN B 147 -16.12 5.42 27.69
C GLN B 147 -15.63 4.15 26.99
N TRP B 148 -14.93 3.26 27.70
CA TRP B 148 -14.69 1.90 27.22
C TRP B 148 -15.99 1.13 27.33
N ASP B 149 -16.33 0.34 26.31
CA ASP B 149 -17.59 -0.40 26.30
C ASP B 149 -17.40 -1.73 25.61
N GLU B 150 -18.05 -2.75 26.15
CA GLU B 150 -18.00 -4.06 25.56
C GLU B 150 -19.29 -4.49 24.90
N GLU B 151 -20.31 -3.62 24.90
CA GLU B 151 -21.61 -4.00 24.34
C GLU B 151 -21.66 -3.87 22.81
N PHE B 152 -20.72 -3.11 22.25
CA PHE B 152 -20.62 -2.85 20.80
C PHE B 152 -19.18 -3.16 20.34
N ALA B 153 -19.04 -3.92 19.26
CA ALA B 153 -17.77 -4.20 18.60
C ALA B 153 -16.74 -4.91 19.48
N ASN B 154 -17.19 -5.66 20.47
CA ASN B 154 -16.34 -6.51 21.28
C ASN B 154 -15.36 -5.76 22.17
N GLY B 155 -15.60 -4.47 22.41
CA GLY B 155 -14.64 -3.63 23.15
C GLY B 155 -14.52 -2.25 22.53
N GLY B 156 -13.55 -1.48 23.03
CA GLY B 156 -13.20 -0.20 22.42
C GLY B 156 -13.84 0.99 23.09
N ILE B 157 -13.16 2.13 22.93
CA ILE B 157 -13.62 3.42 23.44
C ILE B 157 -14.42 4.18 22.37
N TRP B 158 -15.57 4.74 22.79
CA TRP B 158 -16.38 5.61 21.94
C TRP B 158 -15.62 6.89 21.54
N TRP B 159 -15.91 7.40 20.36
CA TRP B 159 -15.37 8.68 19.92
C TRP B 159 -15.85 9.85 20.78
N LEU B 160 -17.16 9.86 21.06
CA LEU B 160 -17.77 10.96 21.81
C LEU B 160 -18.27 10.48 23.16
N ASN B 161 -18.35 11.40 24.12
CA ASN B 161 -19.06 11.11 25.37
C ASN B 161 -20.52 11.63 25.38
N SER B 162 -20.94 12.26 24.29
CA SER B 162 -22.30 12.69 24.12
C SER B 162 -23.06 11.50 23.51
N ASP B 163 -23.02 11.36 22.19
CA ASP B 163 -23.69 10.26 21.51
C ASP B 163 -22.71 9.14 21.25
N HIS B 164 -23.15 7.91 21.41
CA HIS B 164 -22.34 6.74 21.18
C HIS B 164 -22.66 6.05 19.85
N ASN B 165 -22.04 6.53 18.77
CA ASN B 165 -22.31 6.01 17.43
C ASN B 165 -21.12 5.38 16.75
N THR B 166 -19.90 5.64 17.22
CA THR B 166 -18.71 5.19 16.53
CA THR B 166 -18.69 5.20 16.51
C THR B 166 -17.57 5.01 17.52
N LYS B 167 -16.69 4.07 17.21
CA LYS B 167 -15.46 3.85 17.96
C LYS B 167 -14.31 3.99 16.97
N ASN B 168 -13.34 4.86 17.29
CA ASN B 168 -12.42 5.37 16.28
C ASN B 168 -10.94 5.10 16.63
N ALA B 169 -10.12 4.95 15.60
CA ALA B 169 -8.68 4.83 15.81
C ALA B 169 -8.11 6.08 16.52
N CYS B 170 -8.66 7.26 16.19
CA CYS B 170 -8.14 8.52 16.71
C CYS B 170 -8.39 8.76 18.19
N ILE B 171 -9.25 7.94 18.81
CA ILE B 171 -9.31 7.86 20.28
C ILE B 171 -8.60 6.63 20.81
N ASN B 172 -8.82 5.47 20.20
CA ASN B 172 -8.29 4.26 20.81
C ASN B 172 -6.76 4.16 20.86
N PHE B 173 -6.08 4.41 19.73
CA PHE B 173 -4.61 4.30 19.78
C PHE B 173 -3.94 5.40 20.64
N PRO B 174 -4.41 6.65 20.53
CA PRO B 174 -3.88 7.66 21.48
C PRO B 174 -4.13 7.26 22.93
N ALA B 175 -5.25 6.60 23.23
CA ALA B 175 -5.50 6.13 24.60
C ALA B 175 -4.49 5.10 25.04
N ALA B 176 -4.15 4.16 24.14
CA ALA B 176 -3.12 3.20 24.45
C ALA B 176 -1.78 3.92 24.69
N GLN B 177 -1.45 4.91 23.87
CA GLN B 177 -0.20 5.66 24.06
C GLN B 177 -0.18 6.39 25.40
N ALA B 178 -1.29 7.05 25.74
CA ALA B 178 -1.37 7.76 27.02
C ALA B 178 -1.19 6.80 28.19
N ALA B 179 -1.82 5.64 28.09
CA ALA B 179 -1.65 4.62 29.11
C ALA B 179 -0.18 4.21 29.25
N LEU B 180 0.51 4.06 28.11
CA LEU B 180 1.92 3.69 28.15
C LEU B 180 2.79 4.78 28.81
N TYR B 181 2.52 6.05 28.50
CA TYR B 181 3.26 7.12 29.16
C TYR B 181 2.99 7.06 30.68
N LEU B 182 1.72 6.89 31.07
CA LEU B 182 1.38 6.83 32.47
C LEU B 182 2.03 5.62 33.15
N TYR B 183 2.09 4.48 32.46
CA TYR B 183 2.79 3.33 33.00
C TYR B 183 4.29 3.63 33.21
N ASP B 184 4.92 4.25 32.21
CA ASP B 184 6.33 4.59 32.32
C ASP B 184 6.59 5.50 33.52
N ILE B 185 5.72 6.50 33.72
CA ILE B 185 5.88 7.43 34.82
C ILE B 185 5.73 6.77 36.17
N THR B 186 4.68 5.97 36.29
CA THR B 186 4.18 5.52 37.61
C THR B 186 4.54 4.10 37.97
N LYS B 187 4.81 3.28 36.97
CA LYS B 187 4.99 1.84 37.14
C LYS B 187 3.76 1.12 37.69
N ASP B 188 2.59 1.76 37.59
CA ASP B 188 1.34 1.16 38.06
C ASP B 188 0.81 0.21 36.98
N GLU B 189 0.76 -1.09 37.31
CA GLU B 189 0.30 -2.12 36.38
CA GLU B 189 0.31 -2.13 36.38
C GLU B 189 -1.05 -1.82 35.75
N HIS B 190 -1.91 -1.07 36.45
CA HIS B 190 -3.21 -0.70 35.87
C HIS B 190 -3.04 -0.11 34.47
N TYR B 191 -2.04 0.77 34.32
CA TYR B 191 -1.85 1.42 33.03
C TYR B 191 -1.28 0.48 31.95
N LEU B 192 -0.38 -0.43 32.32
CA LEU B 192 0.11 -1.43 31.38
C LEU B 192 -1.05 -2.32 30.95
N ASN B 193 -1.90 -2.72 31.91
CA ASN B 193 -3.09 -3.52 31.57
CA ASN B 193 -3.06 -3.57 31.62
C ASN B 193 -4.02 -2.84 30.63
N ALA B 194 -4.25 -1.57 30.88
CA ALA B 194 -5.13 -0.77 30.03
C ALA B 194 -4.54 -0.69 28.60
N ALA B 195 -3.25 -0.35 28.51
CA ALA B 195 -2.60 -0.26 27.18
C ALA B 195 -2.71 -1.57 26.41
N THR B 196 -2.43 -2.67 27.09
CA THR B 196 -2.48 -3.99 26.48
C THR B 196 -3.90 -4.30 25.98
N LYS B 197 -4.90 -4.02 26.80
CA LYS B 197 -6.29 -4.31 26.43
C LYS B 197 -6.76 -3.45 25.27
N ILE B 198 -6.46 -2.16 25.33
CA ILE B 198 -6.87 -1.26 24.27
C ILE B 198 -6.23 -1.65 22.95
N PHE B 199 -4.91 -1.86 22.99
CA PHE B 199 -4.19 -2.19 21.76
C PHE B 199 -4.64 -3.51 21.15
N ARG B 200 -4.83 -4.54 22.01
CA ARG B 200 -5.27 -5.84 21.52
C ARG B 200 -6.61 -5.69 20.79
N TRP B 201 -7.53 -4.95 21.42
CA TRP B 201 -8.83 -4.72 20.79
C TRP B 201 -8.65 -3.97 19.48
N GLY B 202 -7.83 -2.94 19.51
CA GLY B 202 -7.64 -2.13 18.33
C GLY B 202 -7.00 -2.88 17.17
N LYS B 203 -6.00 -3.70 17.47
CA LYS B 203 -5.38 -4.50 16.39
C LYS B 203 -6.43 -5.43 15.79
N THR B 204 -7.26 -6.05 16.63
CA THR B 204 -8.25 -7.02 16.15
C THR B 204 -9.38 -6.36 15.37
N MET B 205 -9.89 -5.24 15.86
CA MET B 205 -11.11 -4.63 15.34
C MET B 205 -10.91 -3.41 14.45
N LEU B 206 -9.79 -2.71 14.63
CA LEU B 206 -9.48 -1.50 13.87
C LEU B 206 -8.28 -1.66 12.94
N THR B 207 -7.84 -2.90 12.69
CA THR B 207 -6.87 -3.14 11.63
C THR B 207 -7.23 -4.42 10.89
N ASP B 208 -6.58 -4.61 9.74
CA ASP B 208 -6.76 -5.82 8.95
C ASP B 208 -5.78 -6.93 9.31
N GLY B 209 -4.98 -6.73 10.36
CA GLY B 209 -3.93 -7.66 10.72
C GLY B 209 -2.68 -7.58 9.89
N ASN B 210 -2.67 -6.71 8.89
CA ASN B 210 -1.56 -6.54 7.98
C ASN B 210 -0.95 -5.15 8.05
N GLY B 211 -1.30 -4.38 9.06
CA GLY B 211 -0.73 -3.07 9.22
C GLY B 211 -1.57 -1.90 8.74
N LYS B 212 -2.73 -2.16 8.14
CA LYS B 212 -3.62 -1.09 7.73
C LYS B 212 -4.58 -0.78 8.86
N VAL B 213 -4.57 0.48 9.34
CA VAL B 213 -5.42 0.89 10.43
C VAL B 213 -6.69 1.55 9.88
N PHE B 214 -7.84 0.97 10.26
CA PHE B 214 -9.14 1.48 9.84
C PHE B 214 -9.49 2.76 10.60
N ASP B 215 -10.25 3.66 9.97
CA ASP B 215 -10.58 4.90 10.61
C ASP B 215 -11.46 4.70 11.84
N ARG B 216 -12.50 3.88 11.71
CA ARG B 216 -13.51 3.77 12.76
C ARG B 216 -14.43 2.62 12.48
N ILE B 217 -15.26 2.29 13.47
CA ILE B 217 -16.39 1.38 13.33
C ILE B 217 -17.64 2.16 13.69
N GLU B 218 -18.61 2.15 12.79
CA GLU B 218 -19.89 2.83 12.97
C GLU B 218 -20.97 1.83 13.38
N ILE B 219 -21.78 2.20 14.38
CA ILE B 219 -22.93 1.41 14.82
C ILE B 219 -23.83 1.12 13.62
N GLU B 220 -24.34 -0.10 13.57
CA GLU B 220 -25.25 -0.58 12.55
C GLU B 220 -24.65 -0.48 11.15
N HIS B 221 -23.33 -0.55 11.07
CA HIS B 221 -22.66 -0.47 9.79
C HIS B 221 -21.43 -1.38 9.77
N GLY B 222 -20.46 -1.09 10.62
CA GLY B 222 -19.21 -1.84 10.60
C GLY B 222 -18.03 -0.90 10.41
N ALA B 223 -16.90 -1.48 10.06
CA ALA B 223 -15.66 -0.72 9.86
C ALA B 223 -15.75 0.17 8.64
N VAL B 224 -15.09 1.32 8.74
CA VAL B 224 -14.82 2.23 7.63
C VAL B 224 -13.31 2.15 7.41
N PRO B 225 -12.88 1.34 6.43
N PRO B 225 -12.89 1.49 6.33
CA PRO B 225 -11.43 1.10 6.31
CA PRO B 225 -11.48 1.06 6.24
C PRO B 225 -10.66 2.13 5.49
C PRO B 225 -10.45 2.13 5.86
N ASP B 226 -10.85 3.40 5.84
CA ASP B 226 -10.06 4.49 5.30
C ASP B 226 -8.82 4.72 6.16
N ALA B 227 -7.63 4.57 5.58
CA ALA B 227 -6.40 4.75 6.32
C ALA B 227 -5.89 6.18 6.20
N THR B 228 -5.24 6.67 7.27
CA THR B 228 -4.69 8.02 7.28
C THR B 228 -3.37 8.02 8.04
N HIS B 229 -2.59 9.05 7.78
CA HIS B 229 -1.28 9.17 8.41
C HIS B 229 -1.37 9.16 9.93
N TYR B 230 -2.28 9.93 10.53
CA TYR B 230 -2.21 10.06 11.98
C TYR B 230 -2.62 8.78 12.68
N ASN B 231 -3.48 7.97 12.06
CA ASN B 231 -3.90 6.69 12.66
C ASN B 231 -2.83 5.61 12.46
N GLN B 232 -2.15 5.60 11.31
CA GLN B 232 -0.95 4.75 11.21
C GLN B 232 0.01 5.15 12.32
N GLY B 233 0.18 6.47 12.53
CA GLY B 233 1.17 6.94 13.47
C GLY B 233 0.92 6.51 14.90
N THR B 234 -0.29 6.71 15.40
CA THR B 234 -0.58 6.38 16.79
C THR B 234 -0.61 4.87 17.01
N TYR B 235 -1.01 4.08 16.00
CA TYR B 235 -0.88 2.64 16.06
C TYR B 235 0.58 2.25 16.21
N ILE B 236 1.43 2.80 15.35
CA ILE B 236 2.86 2.48 15.39
C ILE B 236 3.46 2.88 16.72
N GLY B 237 3.12 4.07 17.22
CA GLY B 237 3.69 4.51 18.50
C GLY B 237 3.25 3.63 19.66
N SER B 238 1.98 3.23 19.66
CA SER B 238 1.53 2.36 20.73
CA SER B 238 1.43 2.30 20.64
C SER B 238 2.19 0.98 20.62
N ALA B 239 2.36 0.46 19.40
CA ALA B 239 3.03 -0.82 19.22
C ALA B 239 4.49 -0.76 19.72
N VAL B 240 5.21 0.28 19.32
CA VAL B 240 6.59 0.44 19.78
C VAL B 240 6.64 0.56 21.30
N GLY B 241 5.72 1.33 21.85
CA GLY B 241 5.69 1.51 23.31
C GLY B 241 5.40 0.22 24.03
N LEU B 242 4.49 -0.61 23.48
CA LEU B 242 4.22 -1.92 24.09
C LEU B 242 5.41 -2.85 23.96
N TYR B 243 6.11 -2.80 22.81
CA TYR B 243 7.34 -3.58 22.64
C TYR B 243 8.33 -3.21 23.74
N LYS B 244 8.54 -1.94 23.98
CA LYS B 244 9.51 -1.50 24.98
CA LYS B 244 9.50 -1.47 24.99
C LYS B 244 9.06 -1.88 26.39
N ALA B 245 7.77 -1.79 26.67
CA ALA B 245 7.27 -2.07 28.02
C ALA B 245 7.26 -3.55 28.36
N THR B 246 7.07 -4.39 27.35
CA THR B 246 6.85 -5.83 27.57
C THR B 246 7.94 -6.76 27.05
N GLY B 247 8.71 -6.29 26.08
CA GLY B 247 9.69 -7.13 25.38
C GLY B 247 9.08 -8.14 24.41
N ASN B 248 7.77 -8.06 24.15
CA ASN B 248 7.12 -9.02 23.25
C ASN B 248 7.33 -8.61 21.79
N ALA B 249 8.08 -9.44 21.07
CA ALA B 249 8.46 -9.19 19.70
C ALA B 249 7.30 -8.96 18.74
N VAL B 250 6.13 -9.51 19.04
CA VAL B 250 5.00 -9.33 18.14
C VAL B 250 4.65 -7.86 18.00
N TYR B 251 4.79 -7.08 19.07
CA TYR B 251 4.48 -5.65 18.98
C TYR B 251 5.42 -4.92 18.00
N LEU B 252 6.71 -5.27 18.01
CA LEU B 252 7.61 -4.68 17.04
C LEU B 252 7.23 -5.08 15.62
N ASP B 253 6.87 -6.34 15.44
CA ASP B 253 6.40 -6.78 14.13
C ASP B 253 5.17 -5.99 13.71
N ASP B 254 4.24 -5.77 14.64
CA ASP B 254 3.03 -4.99 14.33
C ASP B 254 3.41 -3.60 13.81
N ALA B 255 4.34 -2.95 14.48
CA ALA B 255 4.81 -1.60 14.10
C ALA B 255 5.42 -1.60 12.71
N VAL B 256 6.27 -2.60 12.44
CA VAL B 256 6.93 -2.70 11.14
C VAL B 256 5.90 -2.88 10.03
N LYS B 257 4.91 -3.75 10.24
CA LYS B 257 3.90 -3.95 9.20
C LYS B 257 3.15 -2.66 8.90
N ALA B 258 2.83 -1.89 9.94
CA ALA B 258 2.09 -0.63 9.73
C ALA B 258 2.97 0.45 9.09
N ALA B 259 4.25 0.43 9.40
CA ALA B 259 5.19 1.36 8.74
C ALA B 259 5.37 1.02 7.27
N LYS B 260 5.49 -0.27 6.96
CA LYS B 260 5.56 -0.71 5.58
C LYS B 260 4.29 -0.30 4.83
N PHE B 261 3.13 -0.51 5.46
CA PHE B 261 1.87 -0.13 4.82
C PHE B 261 1.89 1.34 4.46
N THR B 262 2.33 2.17 5.41
CA THR B 262 2.38 3.61 5.20
C THR B 262 3.28 3.99 4.02
N LYS B 263 4.49 3.45 4.03
CA LYS B 263 5.49 3.72 3.00
C LYS B 263 5.08 3.23 1.63
N ASN B 264 4.39 2.08 1.55
CA ASN B 264 4.01 1.54 0.28
C ASN B 264 2.71 2.13 -0.29
N HIS B 265 1.81 2.55 0.58
CA HIS B 265 0.45 2.89 0.16
C HIS B 265 0.08 4.36 0.36
N LEU B 266 0.57 5.03 1.40
CA LEU B 266 0.07 6.37 1.72
C LEU B 266 1.03 7.46 1.23
N VAL B 267 1.48 7.26 -0.01
CA VAL B 267 2.48 8.07 -0.70
C VAL B 267 2.02 8.32 -2.14
N ASP B 268 2.62 9.34 -2.75
CA ASP B 268 2.40 9.63 -4.15
C ASP B 268 3.31 8.79 -5.02
N SER B 269 3.29 9.03 -6.33
CA SER B 269 4.01 8.20 -7.29
C SER B 269 5.53 8.26 -7.10
N ASN B 270 6.04 9.29 -6.42
CA ASN B 270 7.46 9.42 -6.11
C ASN B 270 7.85 8.93 -4.73
N GLY B 271 6.89 8.38 -3.98
CA GLY B 271 7.14 7.94 -2.61
C GLY B 271 7.11 9.03 -1.56
N VAL B 272 6.65 10.22 -1.94
CA VAL B 272 6.49 11.29 -0.97
C VAL B 272 5.16 11.08 -0.25
N LEU B 273 5.16 11.16 1.08
CA LEU B 273 3.95 11.02 1.85
C LEU B 273 2.84 11.92 1.27
N ASN B 274 1.63 11.38 1.29
CA ASN B 274 0.48 12.10 0.77
C ASN B 274 0.23 13.44 1.46
N TYR B 275 -0.38 14.36 0.72
CA TYR B 275 -1.04 15.51 1.31
C TYR B 275 -2.50 15.13 1.53
N GLU B 276 -2.95 15.19 2.77
CA GLU B 276 -4.29 14.75 3.13
C GLU B 276 -5.31 15.90 3.28
N GLY B 277 -4.93 17.11 2.86
CA GLY B 277 -5.94 18.13 2.67
C GLY B 277 -6.91 17.75 1.55
N PRO B 278 -8.02 18.47 1.41
CA PRO B 278 -8.25 19.75 2.11
C PRO B 278 -8.79 19.64 3.52
N ASN B 279 -9.16 18.45 3.99
CA ASN B 279 -9.71 18.29 5.35
C ASN B 279 -8.78 18.95 6.36
N GLY B 280 -9.33 19.83 7.20
CA GLY B 280 -8.52 20.60 8.12
C GLY B 280 -7.86 19.79 9.23
N ASP B 281 -8.53 18.77 9.71
CA ASP B 281 -7.96 17.89 10.73
C ASP B 281 -6.83 17.00 10.17
N LEU B 282 -7.02 16.49 8.94
CA LEU B 282 -6.05 15.59 8.35
C LEU B 282 -4.84 16.31 7.75
N LYS B 283 -4.97 17.56 7.35
CA LYS B 283 -3.91 18.14 6.53
C LYS B 283 -2.57 18.24 7.24
N GLY B 284 -2.59 18.31 8.58
CA GLY B 284 -1.38 18.33 9.38
C GLY B 284 -1.01 16.97 9.98
N GLY B 285 -1.70 15.89 9.57
CA GLY B 285 -1.49 14.59 10.21
C GLY B 285 -0.10 14.00 10.09
N LYS B 286 0.68 14.41 9.08
CA LYS B 286 2.07 13.97 8.99
C LYS B 286 2.84 14.33 10.25
N THR B 287 2.40 15.34 10.98
CA THR B 287 3.06 15.71 12.22
C THR B 287 3.06 14.53 13.20
N ILE B 288 1.87 13.97 13.38
CA ILE B 288 1.69 12.82 14.28
C ILE B 288 2.39 11.58 13.72
N LEU B 289 2.25 11.36 12.41
CA LEU B 289 2.95 10.24 11.80
C LEU B 289 4.45 10.31 12.00
N MET B 290 5.06 11.45 11.70
CA MET B 290 6.51 11.57 11.76
C MET B 290 7.01 11.40 13.19
N ARG B 291 6.26 11.94 14.16
CA ARG B 291 6.64 11.80 15.56
C ARG B 291 6.81 10.31 15.90
N ASN B 292 5.85 9.50 15.45
CA ASN B 292 5.82 8.07 15.79
C ASN B 292 6.75 7.23 14.92
N LEU B 293 6.91 7.59 13.65
CA LEU B 293 7.91 6.91 12.82
C LEU B 293 9.30 7.08 13.42
N ALA B 294 9.60 8.23 14.03
CA ALA B 294 10.90 8.43 14.64
C ALA B 294 11.13 7.42 15.79
N HIS B 295 10.07 7.09 16.54
CA HIS B 295 10.20 6.09 17.61
C HIS B 295 10.58 4.74 17.03
N LEU B 296 9.91 4.33 15.96
CA LEU B 296 10.24 3.07 15.31
C LEU B 296 11.66 3.10 14.76
N GLN B 297 12.05 4.19 14.11
CA GLN B 297 13.38 4.31 13.56
C GLN B 297 14.44 4.10 14.64
N LYS B 298 14.25 4.75 15.78
CA LYS B 298 15.21 4.66 16.88
C LYS B 298 15.30 3.24 17.39
N THR B 299 14.15 2.58 17.57
CA THR B 299 14.14 1.21 18.07
C THR B 299 14.84 0.27 17.08
N LEU B 300 14.56 0.40 15.79
CA LEU B 300 15.24 -0.46 14.83
C LEU B 300 16.73 -0.20 14.78
N ASP B 301 17.13 1.06 14.87
CA ASP B 301 18.54 1.42 14.83
C ASP B 301 19.26 0.81 16.03
N GLU B 302 18.68 0.98 17.20
CA GLU B 302 19.24 0.56 18.48
CA GLU B 302 19.35 0.58 18.42
C GLU B 302 19.37 -0.95 18.62
N THR B 303 18.33 -1.64 18.17
CA THR B 303 18.21 -3.10 18.36
C THR B 303 18.80 -3.93 17.21
N GLY B 304 18.98 -3.30 16.05
CA GLY B 304 19.49 -4.01 14.90
C GLY B 304 18.49 -4.97 14.27
N GLN B 305 17.24 -4.92 14.71
CA GLN B 305 16.19 -5.79 14.20
CA GLN B 305 16.24 -5.81 14.19
C GLN B 305 15.67 -5.29 12.84
N TYR B 306 15.12 -6.19 12.06
CA TYR B 306 14.60 -5.85 10.71
C TYR B 306 15.60 -5.02 9.92
N PRO B 307 16.85 -5.49 9.80
CA PRO B 307 17.88 -4.62 9.21
C PRO B 307 17.63 -4.22 7.75
N GLU B 308 17.03 -5.10 6.96
CA GLU B 308 16.75 -4.76 5.57
C GLU B 308 15.70 -3.65 5.50
N PHE B 309 14.59 -3.83 6.23
CA PHE B 309 13.58 -2.77 6.29
C PHE B 309 14.14 -1.48 6.89
N SER B 310 14.92 -1.60 7.96
CA SER B 310 15.47 -0.42 8.62
C SER B 310 16.22 0.45 7.61
N ALA B 311 17.05 -0.17 6.77
CA ALA B 311 17.80 0.58 5.79
C ALA B 311 16.88 1.27 4.77
N GLU B 312 15.87 0.53 4.27
CA GLU B 312 14.91 1.10 3.32
C GLU B 312 14.11 2.26 3.95
N PHE B 313 13.70 2.02 5.18
CA PHE B 313 12.89 2.98 5.96
C PHE B 313 13.69 4.26 6.22
N ASP B 314 14.95 4.11 6.64
CA ASP B 314 15.80 5.28 6.90
C ASP B 314 15.97 6.10 5.61
N GLU B 315 16.18 5.41 4.48
CA GLU B 315 16.38 6.12 3.22
C GLU B 315 15.12 6.87 2.81
N TRP B 316 13.97 6.22 2.98
CA TRP B 316 12.68 6.83 2.61
C TRP B 316 12.33 8.02 3.51
N LEU B 317 12.61 7.90 4.81
CA LEU B 317 12.38 9.01 5.75
C LEU B 317 13.25 10.20 5.37
N ALA B 318 14.54 9.96 5.10
CA ALA B 318 15.46 11.02 4.77
C ALA B 318 15.03 11.71 3.46
N PHE B 319 14.61 10.91 2.49
CA PHE B 319 14.10 11.45 1.22
C PHE B 319 12.90 12.38 1.42
N ASN B 320 11.93 11.93 2.23
CA ASN B 320 10.79 12.76 2.55
C ASN B 320 11.15 14.08 3.26
N ILE B 321 12.02 13.97 4.25
CA ILE B 321 12.39 15.14 5.04
C ILE B 321 13.13 16.19 4.18
N GLU B 322 14.04 15.70 3.35
CA GLU B 322 14.77 16.56 2.44
C GLU B 322 13.83 17.21 1.43
N MET B 323 12.87 16.44 0.92
CA MET B 323 11.86 16.96 0.01
C MET B 323 11.09 18.10 0.69
N ALA B 324 10.62 17.86 1.90
CA ALA B 324 9.90 18.89 2.64
C ALA B 324 10.75 20.17 2.79
N TRP B 325 11.96 20.03 3.30
CA TRP B 325 12.74 21.23 3.58
CA TRP B 325 12.82 21.19 3.64
C TRP B 325 13.26 21.94 2.37
N SER B 326 13.35 21.21 1.27
CA SER B 326 13.68 21.84 -0.02
C SER B 326 12.55 22.78 -0.47
N HIS B 327 11.36 22.56 0.10
CA HIS B 327 10.16 23.36 -0.23
C HIS B 327 9.88 24.48 0.73
N GLN B 328 10.85 24.79 1.61
CA GLN B 328 10.67 25.91 2.51
C GLN B 328 10.58 27.22 1.75
N ASN B 329 9.83 28.15 2.30
CA ASN B 329 9.91 29.50 1.74
C ASN B 329 11.06 30.29 2.38
N SER B 330 11.17 31.57 2.04
CA SER B 330 12.20 32.43 2.59
C SER B 330 12.15 32.63 4.11
N ASP B 331 10.98 32.41 4.72
CA ASP B 331 10.79 32.48 6.18
C ASP B 331 11.05 31.15 6.89
N HIS B 332 11.50 30.15 6.12
CA HIS B 332 11.81 28.81 6.63
C HIS B 332 10.58 28.03 7.12
N ILE B 333 9.45 28.31 6.51
CA ILE B 333 8.19 27.61 6.74
C ILE B 333 7.89 26.71 5.54
N VAL B 334 7.40 25.51 5.84
CA VAL B 334 7.14 24.52 4.81
CA VAL B 334 7.14 24.48 4.83
C VAL B 334 5.66 24.11 4.90
N ASP B 335 4.91 24.41 3.87
CA ASP B 335 3.51 23.99 3.83
C ASP B 335 3.40 22.44 3.77
N GLY B 336 2.31 21.92 4.29
CA GLY B 336 2.11 20.47 4.39
C GLY B 336 1.99 19.71 3.09
N ASN B 337 1.78 20.39 1.96
CA ASN B 337 1.81 19.72 0.68
C ASN B 337 3.28 19.62 0.24
N TRP B 338 3.95 18.63 0.80
CA TRP B 338 5.39 18.51 0.64
C TRP B 338 5.85 18.33 -0.80
N ALA B 339 4.99 17.82 -1.68
CA ALA B 339 5.32 17.66 -3.09
C ALA B 339 5.13 18.92 -3.90
N GLY B 340 4.50 19.92 -3.32
CA GLY B 340 3.89 20.98 -4.06
C GLY B 340 4.86 22.00 -4.55
N GLN B 341 4.29 23.12 -4.99
CA GLN B 341 5.06 24.33 -5.24
C GLN B 341 5.52 24.86 -3.89
N LEU B 342 6.51 25.74 -3.91
CA LEU B 342 6.94 26.42 -2.71
C LEU B 342 5.70 27.24 -2.28
N LEU B 343 5.20 27.09 -1.04
CA LEU B 343 4.06 27.96 -0.69
C LEU B 343 4.47 29.42 -0.29
N SER B 344 3.63 30.36 -0.77
CA SER B 344 3.63 31.81 -0.49
C SER B 344 2.21 32.26 0.00
N GLY B 345 1.98 33.53 0.33
CA GLY B 345 0.67 34.00 0.89
C GLY B 345 0.41 33.52 2.34
N THR B 346 -0.82 33.16 2.70
CA THR B 346 -1.12 32.70 4.07
C THR B 346 -0.54 31.32 4.38
N TYR B 347 0.11 31.22 5.53
CA TYR B 347 0.69 29.96 6.00
C TYR B 347 -0.14 29.43 7.16
N GLU B 348 -0.31 28.12 7.25
CA GLU B 348 -1.12 27.51 8.30
C GLU B 348 -0.27 26.68 9.27
N SER B 349 -0.54 26.82 10.56
CA SER B 349 0.33 26.19 11.56
C SER B 349 0.20 24.67 11.62
N TRP B 350 -0.98 24.10 11.42
CA TRP B 350 -1.08 22.64 11.49
C TRP B 350 -0.37 21.99 10.29
N SER B 351 -0.67 22.49 9.08
CA SER B 351 -0.04 21.91 7.89
CA SER B 351 -0.04 22.02 7.85
C SER B 351 1.48 22.13 7.91
N SER B 352 1.95 23.28 8.44
CA SER B 352 3.37 23.61 8.46
C SER B 352 4.12 22.90 9.59
N ALA B 353 3.41 22.32 10.55
CA ALA B 353 4.08 21.69 11.70
C ALA B 353 4.84 20.43 11.32
N ALA B 354 4.37 19.73 10.28
CA ALA B 354 4.93 18.39 9.99
C ALA B 354 6.41 18.47 9.65
N ALA B 355 6.80 19.48 8.88
CA ALA B 355 8.21 19.60 8.49
C ALA B 355 9.05 19.91 9.72
N VAL B 356 8.53 20.72 10.64
CA VAL B 356 9.24 21.04 11.87
C VAL B 356 9.43 19.77 12.71
N GLN B 357 8.36 19.00 12.82
CA GLN B 357 8.41 17.74 13.57
C GLN B 357 9.48 16.82 12.99
N ALA B 358 9.48 16.70 11.67
CA ALA B 358 10.41 15.82 10.98
C ALA B 358 11.87 16.14 11.23
N LEU B 359 12.19 17.42 11.37
CA LEU B 359 13.54 17.86 11.61
C LEU B 359 13.91 17.78 13.08
N ASN B 360 12.93 17.49 13.92
CA ASN B 360 13.13 17.34 15.36
C ASN B 360 12.91 15.90 15.83
N GLY B 361 13.33 14.97 14.96
CA GLY B 361 13.27 13.53 15.22
C GLY B 361 14.53 12.91 15.77
C1 BMA C . 14.37 -17.47 -21.67
C2 BMA C . 14.16 -16.02 -22.12
C3 BMA C . 14.48 -15.04 -20.99
C4 BMA C . 13.69 -15.42 -19.75
C5 BMA C . 13.85 -16.90 -19.40
C6 BMA C . 12.88 -17.33 -18.30
O1 BMA C . 13.97 -18.23 -22.78
O2 BMA C . 12.82 -15.81 -22.61
O3 BMA C . 14.20 -13.69 -21.40
O4 BMA C . 14.12 -14.66 -18.61
O5 BMA C . 13.53 -17.71 -20.54
O6 BMA C . 11.56 -16.81 -18.58
C1 MAN C . 10.73 -16.72 -17.41
C2 MAN C . 9.41 -16.10 -17.92
C3 MAN C . 8.74 -15.07 -17.00
C4 MAN C . 9.75 -14.20 -16.24
C5 MAN C . 11.19 -14.55 -16.66
C6 MAN C . 12.24 -13.83 -15.83
O2 MAN C . 8.50 -17.15 -18.26
O3 MAN C . 7.77 -15.65 -16.11
O4 MAN C . 9.54 -12.80 -16.48
O5 MAN C . 11.36 -15.94 -16.42
O6 MAN C . 11.92 -14.02 -14.46
C1 MAN C . 12.90 -13.52 -13.57
C2 MAN C . 12.35 -13.83 -12.18
C3 MAN C . 11.03 -13.07 -11.99
C4 MAN C . 11.25 -11.57 -12.20
C5 MAN C . 11.95 -11.32 -13.55
C6 MAN C . 12.42 -9.87 -13.66
O2 MAN C . 13.28 -13.41 -11.20
O3 MAN C . 10.46 -13.35 -10.72
O4 MAN C . 10.01 -10.87 -12.21
O5 MAN C . 13.10 -12.14 -13.74
O6 MAN C . 13.43 -9.67 -12.66
C1 MAN C . 13.85 -8.33 -12.51
C2 MAN C . 15.07 -8.35 -11.58
C3 MAN C . 14.63 -8.76 -10.16
C4 MAN C . 13.52 -7.84 -9.69
C5 MAN C . 12.38 -7.88 -10.68
C6 MAN C . 11.26 -6.92 -10.35
O2 MAN C . 15.63 -7.05 -11.58
O3 MAN C . 15.68 -8.73 -9.18
O4 MAN C . 13.03 -8.30 -8.43
O5 MAN C . 12.84 -7.51 -11.98
O6 MAN C . 11.68 -5.64 -9.96
C1 MAN C . 12.51 -4.75 -10.75
C2 MAN C . 13.25 -3.73 -9.85
C3 MAN C . 12.31 -2.74 -9.16
C4 MAN C . 11.39 -2.10 -10.21
C5 MAN C . 10.76 -3.18 -11.14
C6 MAN C . 9.88 -2.60 -12.25
O2 MAN C . 14.21 -2.97 -10.58
O3 MAN C . 13.04 -1.74 -8.46
O4 MAN C . 10.44 -1.29 -9.50
O5 MAN C . 11.71 -4.07 -11.71
O6 MAN C . 10.66 -1.89 -13.17
C1 BMA D . -12.97 20.80 16.90
C2 BMA D . -12.35 21.14 15.55
C3 BMA D . -12.74 20.09 14.52
C4 BMA D . -12.61 18.67 15.07
C5 BMA D . -13.38 18.49 16.38
C6 BMA D . -13.14 17.10 16.95
O1 BMA D . -12.92 21.73 17.98
O2 BMA D . -10.93 21.12 15.79
O3 BMA D . -11.93 20.29 13.34
O4 BMA D . -13.11 17.71 14.13
O5 BMA D . -13.00 19.45 17.36
O6 BMA D . -11.73 16.85 16.90
C1 MAN D . -11.38 15.46 16.89
C2 MAN D . -9.85 15.43 16.89
C3 MAN D . -9.18 14.36 15.99
C4 MAN D . -9.95 14.06 14.70
C5 MAN D . -11.18 14.96 14.61
C6 MAN D . -12.07 14.61 13.41
O2 MAN D . -9.38 15.36 18.23
O3 MAN D . -8.86 13.16 16.72
O4 MAN D . -9.15 14.23 13.54
O5 MAN D . -11.94 14.77 15.78
O6 MAN D . -12.36 13.22 13.51
C1 MAN D . -13.29 12.76 12.53
C2 MAN D . -13.43 11.30 12.79
C3 MAN D . -12.06 10.65 12.54
C4 MAN D . -11.60 10.94 11.12
C5 MAN D . -11.64 12.44 10.83
C6 MAN D . -11.46 12.76 9.35
O2 MAN D . -14.41 10.72 11.95
O3 MAN D . -12.12 9.24 12.79
O4 MAN D . -10.27 10.49 10.90
O5 MAN D . -12.88 13.01 11.23
O6 MAN D . -12.57 12.18 8.66
C1 MAN D . -12.45 12.27 7.24
C2 MAN D . -13.80 11.84 6.68
C3 MAN D . -14.10 10.38 7.01
C4 MAN D . -12.96 9.52 6.47
C5 MAN D . -11.64 10.04 7.04
C6 MAN D . -10.41 9.32 6.46
O2 MAN D . -13.81 12.07 5.29
O3 MAN D . -15.34 9.95 6.43
O4 MAN D . -13.16 8.17 6.86
O5 MAN D . -11.43 11.43 6.78
O6 MAN D . -10.48 9.13 5.05
C1 MAN D . -10.54 10.24 4.14
C2 MAN D . -11.11 9.75 2.79
C3 MAN D . -10.18 8.76 2.11
C4 MAN D . -8.76 9.37 2.01
C5 MAN D . -8.29 9.90 3.38
C6 MAN D . -6.92 10.57 3.37
O2 MAN D . -11.37 10.82 1.89
O3 MAN D . -10.65 8.42 0.82
O4 MAN D . -7.89 8.40 1.45
O5 MAN D . -9.24 10.80 3.96
O6 MAN D . -6.97 11.75 2.59
C1 MAN E . 14.28 -17.35 -21.77
C2 MAN E . 14.09 -15.90 -22.18
C3 MAN E . 14.48 -14.99 -21.00
C4 MAN E . 13.68 -15.39 -19.76
C5 MAN E . 13.76 -16.90 -19.53
C6 MAN E . 12.85 -17.33 -18.38
O1 MAN E . 15.64 -17.61 -21.51
O2 MAN E . 12.75 -15.69 -22.59
O3 MAN E . 14.29 -13.62 -21.31
O4 MAN E . 14.18 -14.75 -18.62
O5 MAN E . 13.38 -17.62 -20.70
O6 MAN E . 11.54 -16.82 -18.60
C1 MAN F . -13.30 20.64 16.82
C2 MAN F . -12.35 21.15 15.76
C3 MAN F . -12.66 20.26 14.56
C4 MAN F . -12.56 18.78 14.95
C5 MAN F . -13.34 18.48 16.25
C6 MAN F . -13.13 17.06 16.75
O1 MAN F . -14.64 21.03 16.64
O2 MAN F . -11.04 20.92 16.24
O3 MAN F . -11.83 20.56 13.44
O4 MAN F . -13.04 17.98 13.87
O5 MAN F . -12.99 19.36 17.31
O6 MAN F . -11.74 16.85 16.87
#